data_5OE4
#
_entry.id   5OE4
#
_cell.length_a   77.798
_cell.length_b   71.966
_cell.length_c   84.417
_cell.angle_alpha   90.000
_cell.angle_beta   116.900
_cell.angle_gamma   90.000
#
_symmetry.space_group_name_H-M   'P 1 21 1'
#
loop_
_entity.id
_entity.type
_entity.pdbx_description
1 polymer 'Anthranilate--CoA ligase'
2 non-polymer "5'-O-[(S)-[(2-aminobenzoyl)oxy](hydroxy)phosphoryl]adenosine"
3 water water
#
_entity_poly.entity_id   1
_entity_poly.type   'polypeptide(L)'
_entity_poly.pdbx_seq_one_letter_code
;MSTLANLTEVLFRLDFDPDTAVYHYRGQTLSRLQCRTYILSQASQLARLLKPGDRVVLALNDSPSLACLFLACIAVGAIP
AVINPKSREQALADIAADCQASLVVREADAPSLSGPLAPLTLRAAAGRPLLDDFSLDALVGPADLDWSAFHRQDPAAACF
LQYTSGSTGAPKGVMHSLRNTLGFCRAFATELLALQAGDRLYSIPKMFFGYGMGNSLFFPWFSGASALLDDTWPSPERVL
ENLVAFRPRVLFGVPAIYASLRPQARELLSSVRLAFSAGSPLPRGEFEFWAAHGLEICDGIGATEVGHVFLANRPGQARA
DSTGLPLPGYECRLVDREGHTIEEAGRQGVLLVRGPGLSPGYWRASEEQQARFAGGWYRTGDLFERDESGAYRHCGREDL
EHHHHHH
;
_entity_poly.pdbx_strand_id   A,B
#
loop_
_chem_comp.id
_chem_comp.type
_chem_comp.name
_chem_comp.formula
3UK non-polymer 5'-O-[(S)-[(2-aminobenzoyl)oxy](hydroxy)phosphoryl]adenosine 'C17 H19 N6 O8 P'
#
# COMPACT_ATOMS: atom_id res chain seq x y z
N SER A 2 6.52 31.79 -23.75
CA SER A 2 6.14 30.54 -23.09
C SER A 2 4.74 30.66 -22.50
N THR A 3 4.11 29.51 -22.27
CA THR A 3 2.74 29.47 -21.74
C THR A 3 2.77 29.46 -20.22
N LEU A 4 1.92 30.28 -19.61
CA LEU A 4 1.86 30.40 -18.16
C LEU A 4 1.39 29.09 -17.55
N ALA A 5 2.01 28.72 -16.41
CA ALA A 5 1.69 27.46 -15.75
C ALA A 5 1.94 27.60 -14.25
N ASN A 6 1.58 26.54 -13.53
CA ASN A 6 1.72 26.47 -12.08
C ASN A 6 2.28 25.11 -11.72
N LEU A 7 3.33 25.10 -10.88
CA LEU A 7 4.06 23.86 -10.62
C LEU A 7 3.16 22.81 -9.99
N THR A 8 2.37 23.20 -8.96
CA THR A 8 1.45 22.26 -8.33
C THR A 8 0.42 21.72 -9.33
N GLU A 9 -0.13 22.59 -10.16
CA GLU A 9 -1.12 22.16 -11.14
C GLU A 9 -0.50 21.16 -12.13
N VAL A 10 0.71 21.46 -12.60
CA VAL A 10 1.39 20.58 -13.55
C VAL A 10 1.63 19.20 -12.94
N LEU A 11 2.06 19.16 -11.67
CA LEU A 11 2.24 17.88 -10.99
C LEU A 11 0.90 17.14 -10.84
N PHE A 12 -0.15 17.87 -10.50
CA PHE A 12 -1.47 17.25 -10.35
C PHE A 12 -1.98 16.66 -11.67
N ARG A 13 -1.50 17.15 -12.81
CA ARG A 13 -1.96 16.68 -14.11
CA ARG A 13 -1.97 16.67 -14.11
C ARG A 13 -1.14 15.54 -14.67
N LEU A 14 -0.01 15.18 -14.05
CA LEU A 14 0.77 14.04 -14.51
C LEU A 14 -0.07 12.78 -14.43
N ASP A 15 0.06 11.92 -15.43
CA ASP A 15 -0.81 10.76 -15.57
C ASP A 15 -0.33 9.62 -14.67
N PHE A 16 -0.85 9.62 -13.43
CA PHE A 16 -0.61 8.53 -12.50
C PHE A 16 -1.91 8.21 -11.78
N ASP A 17 -2.00 6.98 -11.27
CA ASP A 17 -3.23 6.50 -10.63
C ASP A 17 -3.50 7.28 -9.34
N PRO A 18 -4.64 7.97 -9.20
CA PRO A 18 -4.85 8.80 -8.00
C PRO A 18 -5.00 8.01 -6.71
N ASP A 19 -5.34 6.73 -6.76
CA ASP A 19 -5.53 5.95 -5.55
CA ASP A 19 -5.53 5.92 -5.57
C ASP A 19 -4.24 5.34 -5.02
N THR A 20 -3.10 5.58 -5.67
CA THR A 20 -1.82 5.04 -5.21
C THR A 20 -1.19 5.94 -4.16
N ALA A 21 -0.39 5.34 -3.29
CA ALA A 21 0.23 6.07 -2.21
C ALA A 21 1.15 7.16 -2.76
N VAL A 22 1.34 8.20 -1.96
CA VAL A 22 2.29 9.25 -2.31
C VAL A 22 3.17 9.55 -1.10
N TYR A 23 2.56 9.60 0.09
CA TYR A 23 3.29 9.87 1.32
C TYR A 23 2.91 8.85 2.39
N HIS A 24 3.92 8.44 3.17
CA HIS A 24 3.72 7.58 4.33
C HIS A 24 4.22 8.31 5.56
N TYR A 25 3.52 8.15 6.67
CA TYR A 25 3.81 8.95 7.87
C TYR A 25 3.25 8.26 9.10
N ARG A 26 4.13 7.92 10.03
CA ARG A 26 3.74 7.37 11.34
C ARG A 26 2.78 6.20 11.17
N GLY A 27 3.15 5.29 10.27
CA GLY A 27 2.38 4.08 10.05
C GLY A 27 1.14 4.27 9.21
N GLN A 28 0.88 5.47 8.72
CA GLN A 28 -0.29 5.76 7.89
C GLN A 28 0.16 6.10 6.48
N THR A 29 -0.80 6.03 5.55
CA THR A 29 -0.53 6.28 4.15
C THR A 29 -1.57 7.23 3.59
N LEU A 30 -1.12 8.15 2.75
CA LEU A 30 -1.98 9.09 2.04
C LEU A 30 -1.84 8.87 0.55
N SER A 31 -2.95 8.82 -0.15
CA SER A 31 -2.93 8.66 -1.59
C SER A 31 -2.70 10.01 -2.29
N ARG A 32 -2.31 9.94 -3.57
CA ARG A 32 -2.25 11.14 -4.38
C ARG A 32 -3.56 11.91 -4.30
N LEU A 33 -4.68 11.18 -4.34
CA LEU A 33 -6.00 11.84 -4.30
C LEU A 33 -6.23 12.55 -2.97
N GLN A 34 -5.94 11.87 -1.86
CA GLN A 34 -6.17 12.49 -0.55
C GLN A 34 -5.39 13.80 -0.42
N CYS A 35 -4.10 13.77 -0.74
CA CYS A 35 -3.28 14.98 -0.59
C CYS A 35 -3.75 16.07 -1.55
N ARG A 36 -4.10 15.68 -2.77
CA ARG A 36 -4.58 16.64 -3.75
C ARG A 36 -5.83 17.36 -3.25
N THR A 37 -6.77 16.62 -2.66
CA THR A 37 -7.96 17.23 -2.10
C THR A 37 -7.61 18.18 -0.95
N TYR A 38 -6.71 17.74 -0.07
CA TYR A 38 -6.32 18.58 1.06
C TYR A 38 -5.56 19.81 0.59
N ILE A 39 -4.73 19.67 -0.44
CA ILE A 39 -3.94 20.80 -0.92
C ILE A 39 -4.84 21.87 -1.51
N LEU A 40 -5.87 21.46 -2.26
CA LEU A 40 -6.76 22.43 -2.86
C LEU A 40 -7.61 23.14 -1.81
N SER A 41 -8.09 22.40 -0.81
CA SER A 41 -8.82 23.03 0.29
C SER A 41 -7.95 24.04 1.01
N GLN A 42 -6.71 23.66 1.32
CA GLN A 42 -5.80 24.56 2.03
C GLN A 42 -5.46 25.76 1.17
N ALA A 43 -5.24 25.55 -0.13
CA ALA A 43 -4.99 26.66 -1.04
C ALA A 43 -6.13 27.67 -1.01
N SER A 44 -7.37 27.19 -0.98
CA SER A 44 -8.50 28.10 -0.92
C SER A 44 -8.41 29.00 0.29
N GLN A 45 -7.83 28.51 1.40
CA GLN A 45 -7.64 29.36 2.57
C GLN A 45 -6.42 30.28 2.42
N LEU A 46 -5.29 29.75 1.97
CA LEU A 46 -4.11 30.60 1.78
C LEU A 46 -4.39 31.73 0.81
N ALA A 47 -5.29 31.53 -0.15
CA ALA A 47 -5.62 32.59 -1.10
C ALA A 47 -6.29 33.78 -0.44
N ARG A 48 -6.94 33.55 0.71
CA ARG A 48 -7.57 34.65 1.45
C ARG A 48 -6.56 35.45 2.27
N LEU A 49 -5.35 34.93 2.42
CA LEU A 49 -4.32 35.50 3.28
C LEU A 49 -3.12 36.04 2.52
N LEU A 50 -2.80 35.44 1.38
CA LEU A 50 -1.58 35.71 0.65
C LEU A 50 -1.91 36.20 -0.75
N LYS A 51 -1.22 37.24 -1.19
CA LYS A 51 -1.30 37.63 -2.59
C LYS A 51 -0.23 36.90 -3.39
N PRO A 52 -0.42 36.74 -4.69
CA PRO A 52 0.63 36.12 -5.50
C PRO A 52 1.96 36.79 -5.30
N GLY A 53 3.00 35.98 -5.11
CA GLY A 53 4.36 36.45 -4.90
C GLY A 53 4.80 36.52 -3.46
N ASP A 54 3.88 36.51 -2.50
CA ASP A 54 4.25 36.61 -1.09
C ASP A 54 5.10 35.40 -0.70
N ARG A 55 6.09 35.65 0.14
CA ARG A 55 6.99 34.60 0.60
C ARG A 55 6.47 34.00 1.91
N VAL A 56 6.70 32.70 2.07
CA VAL A 56 6.31 31.95 3.25
C VAL A 56 7.51 31.13 3.70
N VAL A 57 7.85 31.22 5.00
CA VAL A 57 8.92 30.41 5.59
C VAL A 57 8.26 29.31 6.40
N LEU A 58 8.64 28.07 6.12
CA LEU A 58 8.08 26.90 6.80
C LEU A 58 9.20 26.25 7.61
N ALA A 59 9.12 26.43 8.93
CA ALA A 59 10.11 25.88 9.85
C ALA A 59 9.50 24.68 10.57
N LEU A 60 9.35 23.60 9.82
CA LEU A 60 8.62 22.42 10.27
C LEU A 60 9.42 21.15 10.04
N ASN A 61 9.21 20.16 10.91
CA ASN A 61 9.73 18.81 10.69
C ASN A 61 9.04 18.17 9.47
N ASP A 62 9.72 17.20 8.88
CA ASP A 62 9.17 16.49 7.74
C ASP A 62 7.83 15.85 8.10
N SER A 63 6.84 16.04 7.24
CA SER A 63 5.51 15.49 7.46
C SER A 63 4.69 15.70 6.19
N PRO A 64 3.64 14.89 5.98
CA PRO A 64 2.74 15.15 4.85
C PRO A 64 2.17 16.55 4.85
N SER A 65 1.87 17.09 6.04
CA SER A 65 1.28 18.42 6.11
CA SER A 65 1.28 18.42 6.11
C SER A 65 2.26 19.47 5.62
N LEU A 66 3.55 19.29 5.92
CA LEU A 66 4.56 20.20 5.41
C LEU A 66 4.60 20.14 3.89
N ALA A 67 4.73 18.94 3.32
CA ALA A 67 4.77 18.82 1.87
C ALA A 67 3.52 19.43 1.22
N CYS A 68 2.34 19.17 1.80
CA CYS A 68 1.11 19.67 1.19
C CYS A 68 0.95 21.18 1.36
N LEU A 69 1.27 21.70 2.54
CA LEU A 69 1.27 23.15 2.72
C LEU A 69 2.21 23.84 1.74
N PHE A 70 3.38 23.24 1.53
CA PHE A 70 4.33 23.76 0.56
C PHE A 70 3.72 23.81 -0.84
N LEU A 71 3.04 22.75 -1.24
CA LEU A 71 2.43 22.74 -2.56
C LEU A 71 1.21 23.65 -2.62
N ALA A 72 0.55 23.87 -1.48
CA ALA A 72 -0.60 24.77 -1.46
C ALA A 72 -0.18 26.22 -1.58
N CYS A 73 0.93 26.59 -0.96
CA CYS A 73 1.52 27.91 -1.17
C CYS A 73 1.78 28.15 -2.66
N ILE A 74 2.43 27.18 -3.30
CA ILE A 74 2.74 27.35 -4.71
C ILE A 74 1.47 27.47 -5.54
N ALA A 75 0.44 26.70 -5.17
CA ALA A 75 -0.82 26.74 -5.93
C ALA A 75 -1.38 28.16 -6.03
N VAL A 76 -1.33 28.92 -4.94
CA VAL A 76 -1.88 30.27 -4.93
C VAL A 76 -0.86 31.31 -5.38
N GLY A 77 0.33 30.89 -5.78
CA GLY A 77 1.36 31.80 -6.24
C GLY A 77 2.28 32.34 -5.18
N ALA A 78 2.13 31.89 -3.94
CA ALA A 78 3.10 32.25 -2.92
C ALA A 78 4.40 31.49 -3.15
N ILE A 79 5.45 31.95 -2.49
CA ILE A 79 6.80 31.45 -2.68
C ILE A 79 7.29 30.90 -1.35
N PRO A 80 7.20 29.59 -1.14
CA PRO A 80 7.58 29.02 0.16
C PRO A 80 9.05 28.65 0.24
N ALA A 81 9.55 28.59 1.49
CA ALA A 81 10.88 28.09 1.77
C ALA A 81 10.83 27.20 3.00
N VAL A 82 11.44 26.02 2.92
CA VAL A 82 11.49 25.09 4.04
C VAL A 82 12.86 25.18 4.69
N ILE A 83 12.87 25.49 5.99
CA ILE A 83 14.11 25.64 6.73
C ILE A 83 14.06 24.74 7.97
N ASN A 84 15.24 24.55 8.56
CA ASN A 84 15.41 23.72 9.75
C ASN A 84 14.46 24.17 10.86
N PRO A 85 13.55 23.30 11.33
CA PRO A 85 12.63 23.73 12.39
C PRO A 85 13.33 24.06 13.70
N LYS A 86 14.56 23.59 13.90
CA LYS A 86 15.32 23.87 15.11
CA LYS A 86 15.32 23.87 15.10
C LYS A 86 16.29 25.02 14.91
N SER A 87 15.99 25.94 13.98
CA SER A 87 16.81 27.12 13.79
C SER A 87 16.78 27.98 15.05
N ARG A 88 17.93 28.57 15.37
CA ARG A 88 17.94 29.60 16.40
C ARG A 88 16.99 30.73 15.99
N GLU A 89 16.52 31.46 17.01
CA GLU A 89 15.54 32.52 16.75
C GLU A 89 16.09 33.56 15.79
N GLN A 90 17.34 33.99 15.98
CA GLN A 90 17.92 34.99 15.10
C GLN A 90 18.11 34.46 13.68
N ALA A 91 18.45 33.17 13.57
CA ALA A 91 18.63 32.56 12.25
C ALA A 91 17.33 32.50 11.47
N LEU A 92 16.24 32.11 12.14
CA LEU A 92 14.93 32.13 11.49
C LEU A 92 14.56 33.56 11.11
N ALA A 93 14.78 34.52 12.02
CA ALA A 93 14.48 35.91 11.73
C ALA A 93 15.27 36.43 10.54
N ASP A 94 16.57 36.10 10.47
CA ASP A 94 17.39 36.59 9.37
C ASP A 94 16.88 36.08 8.02
N ILE A 95 16.43 34.83 7.98
CA ILE A 95 15.92 34.25 6.75
C ILE A 95 14.60 34.90 6.35
N ALA A 96 13.71 35.09 7.31
CA ALA A 96 12.44 35.73 7.02
C ALA A 96 12.66 37.17 6.56
N ALA A 97 13.64 37.86 7.13
CA ALA A 97 13.94 39.21 6.67
C ALA A 97 14.57 39.19 5.28
N ASP A 98 15.43 38.21 5.00
CA ASP A 98 16.10 38.14 3.71
C ASP A 98 15.11 37.97 2.56
N CYS A 99 14.09 37.14 2.73
CA CYS A 99 13.05 36.97 1.72
C CYS A 99 11.82 37.82 1.99
N GLN A 100 11.86 38.68 3.01
CA GLN A 100 10.74 39.55 3.36
CA GLN A 100 10.74 39.54 3.37
C GLN A 100 9.43 38.76 3.41
N ALA A 101 9.44 37.67 4.18
CA ALA A 101 8.29 36.77 4.22
C ALA A 101 7.05 37.41 4.83
N SER A 102 5.89 37.11 4.25
CA SER A 102 4.60 37.54 4.77
C SER A 102 4.09 36.64 5.89
N LEU A 103 4.55 35.39 5.93
CA LEU A 103 3.98 34.36 6.79
C LEU A 103 5.09 33.38 7.15
N VAL A 104 5.18 33.05 8.44
CA VAL A 104 6.04 31.98 8.94
C VAL A 104 5.17 30.94 9.64
N VAL A 105 5.41 29.68 9.35
CA VAL A 105 4.66 28.58 9.97
C VAL A 105 5.66 27.73 10.75
N ARG A 106 5.40 27.56 12.05
CA ARG A 106 6.33 26.91 12.97
C ARG A 106 5.66 25.74 13.68
N GLU A 107 6.48 24.99 14.41
N GLU A 107 6.48 24.97 14.38
CA GLU A 107 5.95 23.95 15.28
CA GLU A 107 5.99 23.83 15.15
C GLU A 107 5.21 24.58 16.46
C GLU A 107 5.32 24.31 16.43
N ALA A 108 4.53 23.74 17.22
N ALA A 108 4.45 23.45 16.98
CA ALA A 108 3.72 24.22 18.33
CA ALA A 108 3.85 23.76 18.27
C ALA A 108 4.58 24.93 19.38
C ALA A 108 4.91 23.85 19.36
N ASP A 109 3.96 25.87 20.08
N ASP A 109 6.00 23.09 19.23
CA ASP A 109 4.51 26.58 21.23
CA ASP A 109 7.06 23.10 20.23
C ASP A 109 5.58 27.61 20.88
C ASP A 109 7.82 24.41 20.30
N ALA A 110 5.97 27.74 19.61
N ALA A 110 7.54 25.37 19.42
CA ALA A 110 6.99 28.71 19.22
CA ALA A 110 8.19 26.68 19.47
C ALA A 110 8.27 28.48 20.01
C ALA A 110 7.37 27.71 18.69
N PRO A 119 7.01 38.98 10.81
CA PRO A 119 5.87 38.55 9.99
C PRO A 119 4.82 37.84 10.81
N LEU A 120 3.66 37.58 10.22
CA LEU A 120 2.63 36.80 10.88
C LEU A 120 3.13 35.38 11.10
N THR A 121 3.01 34.89 12.33
CA THR A 121 3.46 33.54 12.66
C THR A 121 2.28 32.66 13.04
N LEU A 122 2.16 31.53 12.35
CA LEU A 122 1.21 30.47 12.68
C LEU A 122 1.97 29.23 13.15
N ARG A 123 1.23 28.32 13.79
CA ARG A 123 1.85 27.16 14.42
C ARG A 123 1.11 25.88 14.06
N ALA A 124 1.87 24.80 13.93
CA ALA A 124 1.28 23.48 13.79
C ALA A 124 0.57 23.08 15.09
N ALA A 125 -0.32 22.12 14.98
CA ALA A 125 -0.98 21.58 16.15
C ALA A 125 -0.03 20.65 16.89
N ALA A 126 -0.35 20.40 18.15
CA ALA A 126 0.33 19.34 18.89
C ALA A 126 -0.29 18.00 18.54
N GLY A 127 0.45 16.94 18.84
CA GLY A 127 -0.04 15.59 18.62
C GLY A 127 0.34 14.98 17.29
N ARG A 128 1.06 15.71 16.44
CA ARG A 128 1.54 15.18 15.17
C ARG A 128 0.41 14.52 14.37
N PRO A 129 -0.64 15.27 14.04
CA PRO A 129 -1.73 14.69 13.25
C PRO A 129 -1.28 14.37 11.83
N LEU A 130 -1.97 13.41 11.21
CA LEU A 130 -1.67 13.08 9.83
C LEU A 130 -1.83 14.29 8.92
N LEU A 131 -2.89 15.07 9.13
CA LEU A 131 -3.11 16.31 8.40
C LEU A 131 -3.36 17.42 9.41
N ASP A 132 -2.85 18.61 9.10
CA ASP A 132 -2.87 19.76 9.98
C ASP A 132 -3.47 20.94 9.23
N ASP A 133 -4.29 21.74 9.92
CA ASP A 133 -4.85 22.95 9.32
C ASP A 133 -4.06 24.19 9.69
N PHE A 134 -3.11 24.09 10.61
CA PHE A 134 -2.23 25.20 10.98
C PHE A 134 -3.04 26.44 11.37
N SER A 135 -4.21 26.22 11.98
CA SER A 135 -5.10 27.25 12.50
C SER A 135 -5.75 28.10 11.42
N LEU A 136 -5.66 27.69 10.15
CA LEU A 136 -6.26 28.51 9.10
C LEU A 136 -7.77 28.56 9.22
N ASP A 137 -8.41 27.45 9.64
CA ASP A 137 -9.86 27.46 9.83
C ASP A 137 -10.26 28.60 10.75
N ALA A 138 -9.51 28.80 11.83
CA ALA A 138 -9.84 29.86 12.77
C ALA A 138 -9.46 31.23 12.21
N LEU A 139 -8.43 31.30 11.38
CA LEU A 139 -7.92 32.57 10.91
C LEU A 139 -8.72 33.13 9.75
N VAL A 140 -9.06 32.29 8.76
CA VAL A 140 -9.75 32.74 7.56
C VAL A 140 -11.04 31.97 7.29
N GLY A 141 -11.44 31.07 8.18
CA GLY A 141 -12.68 30.33 7.97
C GLY A 141 -12.47 29.04 7.21
N PRO A 142 -13.49 28.19 7.19
CA PRO A 142 -13.36 26.89 6.51
C PRO A 142 -13.09 27.03 5.02
N ALA A 143 -12.56 25.95 4.45
CA ALA A 143 -12.12 25.94 3.06
C ALA A 143 -13.31 25.91 2.09
N ASP A 144 -13.04 26.36 0.87
CA ASP A 144 -13.94 26.11 -0.25
C ASP A 144 -13.92 24.62 -0.58
N LEU A 145 -14.97 24.16 -1.25
CA LEU A 145 -15.15 22.73 -1.50
C LEU A 145 -14.47 22.24 -2.78
N ASP A 146 -14.43 23.07 -3.81
CA ASP A 146 -13.94 22.66 -5.13
C ASP A 146 -13.05 23.77 -5.69
N TRP A 147 -12.00 24.10 -4.95
CA TRP A 147 -11.07 25.15 -5.34
C TRP A 147 -10.19 24.70 -6.49
N SER A 148 -9.89 25.63 -7.41
CA SER A 148 -9.02 25.33 -8.53
C SER A 148 -8.42 26.59 -9.15
N ALA A 149 -8.31 27.67 -8.38
CA ALA A 149 -7.88 28.97 -8.90
C ALA A 149 -6.35 29.10 -8.86
N PHE A 150 -5.69 28.17 -9.54
CA PHE A 150 -4.23 28.18 -9.58
C PHE A 150 -3.72 29.52 -10.11
N HIS A 151 -2.63 30.00 -9.53
CA HIS A 151 -1.93 31.18 -10.04
C HIS A 151 -0.87 30.70 -11.03
N ARG A 152 -1.11 30.96 -12.31
CA ARG A 152 -0.21 30.54 -13.37
C ARG A 152 0.69 31.70 -13.76
N GLN A 153 1.95 31.41 -14.04
CA GLN A 153 2.95 32.44 -14.21
C GLN A 153 4.00 31.96 -15.21
N ASP A 154 4.93 32.85 -15.53
CA ASP A 154 6.06 32.50 -16.38
C ASP A 154 6.73 31.25 -15.83
N PRO A 155 6.97 30.22 -16.64
CA PRO A 155 7.65 29.02 -16.12
C PRO A 155 9.05 29.30 -15.62
N ALA A 156 9.68 30.39 -16.05
CA ALA A 156 11.01 30.74 -15.57
C ALA A 156 11.00 31.56 -14.30
N ALA A 157 9.83 31.99 -13.84
CA ALA A 157 9.74 32.85 -12.67
C ALA A 157 9.94 32.05 -11.39
N ALA A 158 10.39 32.76 -10.35
CA ALA A 158 10.62 32.12 -9.06
C ALA A 158 9.35 31.45 -8.54
N CYS A 159 9.50 30.19 -8.14
CA CYS A 159 8.41 29.37 -7.63
CA CYS A 159 8.39 29.38 -7.62
C CYS A 159 8.53 29.08 -6.13
N PHE A 160 9.73 28.74 -5.68
CA PHE A 160 10.00 28.53 -4.27
C PHE A 160 11.48 28.80 -4.05
N LEU A 161 11.86 28.96 -2.79
CA LEU A 161 13.24 29.22 -2.42
C LEU A 161 13.80 28.02 -1.66
N GLN A 162 15.12 27.85 -1.77
CA GLN A 162 15.89 26.88 -0.99
C GLN A 162 17.09 27.60 -0.43
N TYR A 163 17.17 27.71 0.89
CA TYR A 163 18.27 28.42 1.52
C TYR A 163 19.40 27.47 1.85
N THR A 164 20.61 27.85 1.44
CA THR A 164 21.81 27.06 1.69
C THR A 164 22.88 27.93 2.34
N ALA A 170 26.76 32.83 5.62
CA ALA A 170 25.55 33.61 5.36
C ALA A 170 24.62 32.85 4.40
N PRO A 171 23.46 32.40 4.91
CA PRO A 171 22.51 31.72 4.02
C PRO A 171 22.00 32.61 2.91
N LYS A 172 21.95 32.06 1.71
CA LYS A 172 21.45 32.73 0.52
C LYS A 172 20.21 31.98 0.04
N GLY A 173 19.22 32.71 -0.47
CA GLY A 173 18.02 32.06 -0.97
C GLY A 173 18.09 31.72 -2.44
N VAL A 174 18.17 30.44 -2.78
CA VAL A 174 18.23 30.02 -4.18
C VAL A 174 16.82 30.01 -4.74
N MET A 175 16.61 30.71 -5.86
CA MET A 175 15.33 30.71 -6.54
C MET A 175 15.23 29.47 -7.41
N HIS A 176 14.09 28.80 -7.35
CA HIS A 176 13.78 27.71 -8.25
C HIS A 176 12.46 28.00 -8.94
N SER A 177 12.41 27.70 -10.23
CA SER A 177 11.26 27.95 -11.08
C SER A 177 10.58 26.63 -11.44
N LEU A 178 9.38 26.75 -12.02
CA LEU A 178 8.71 25.59 -12.56
C LEU A 178 9.59 24.85 -13.55
N ARG A 179 10.26 25.59 -14.43
CA ARG A 179 10.98 24.98 -15.54
C ARG A 179 12.18 24.19 -15.06
N ASN A 180 13.03 24.80 -14.23
CA ASN A 180 14.22 24.08 -13.79
C ASN A 180 13.92 23.05 -12.71
N THR A 181 12.78 23.14 -12.02
CA THR A 181 12.40 22.08 -11.08
C THR A 181 12.01 20.81 -11.83
N LEU A 182 11.06 20.91 -12.75
CA LEU A 182 10.78 19.77 -13.63
C LEU A 182 12.03 19.36 -14.37
N GLY A 183 12.95 20.29 -14.60
CA GLY A 183 14.18 19.96 -15.28
C GLY A 183 15.07 19.03 -14.47
N PHE A 184 15.26 19.32 -13.18
CA PHE A 184 16.14 18.46 -12.39
C PHE A 184 15.44 17.17 -12.01
N CYS A 185 14.10 17.19 -11.90
CA CYS A 185 13.35 15.96 -11.70
C CYS A 185 13.53 15.01 -12.88
N ARG A 186 13.37 15.52 -14.10
CA ARG A 186 13.50 14.68 -15.29
C ARG A 186 14.88 14.03 -15.35
N ALA A 187 15.93 14.83 -15.19
CA ALA A 187 17.29 14.29 -15.35
C ALA A 187 17.57 13.20 -14.32
N PHE A 188 17.16 13.40 -13.07
CA PHE A 188 17.53 12.46 -12.00
C PHE A 188 16.49 11.36 -11.82
N ALA A 189 15.24 11.73 -11.52
CA ALA A 189 14.23 10.72 -11.25
C ALA A 189 13.98 9.84 -12.47
N THR A 190 13.95 10.44 -13.66
CA THR A 190 13.62 9.69 -14.86
C THR A 190 14.87 9.13 -15.55
N GLU A 191 15.77 10.01 -15.96
CA GLU A 191 16.86 9.59 -16.85
C GLU A 191 17.89 8.75 -16.11
N LEU A 192 18.18 9.05 -14.85
CA LEU A 192 19.24 8.35 -14.12
C LEU A 192 18.71 7.15 -13.34
N LEU A 193 17.72 7.37 -12.48
CA LEU A 193 17.17 6.30 -11.65
C LEU A 193 16.03 5.54 -12.28
N ALA A 194 15.36 6.12 -13.27
CA ALA A 194 14.20 5.50 -13.91
C ALA A 194 13.22 5.00 -12.86
N LEU A 195 12.80 5.89 -11.98
CA LEU A 195 11.83 5.54 -10.96
C LEU A 195 10.51 5.12 -11.62
N GLN A 196 9.91 4.07 -11.08
CA GLN A 196 8.68 3.51 -11.61
C GLN A 196 7.53 3.80 -10.66
N ALA A 197 6.32 3.87 -11.20
CA ALA A 197 5.15 4.10 -10.37
C ALA A 197 5.04 2.97 -9.34
N GLY A 198 4.73 3.34 -8.10
CA GLY A 198 4.66 2.39 -7.02
C GLY A 198 5.97 2.20 -6.26
N ASP A 199 7.08 2.71 -6.78
CA ASP A 199 8.35 2.62 -6.07
C ASP A 199 8.25 3.28 -4.71
N ARG A 200 8.78 2.62 -3.68
CA ARG A 200 8.84 3.18 -2.34
CA ARG A 200 8.85 3.18 -2.34
C ARG A 200 10.22 3.82 -2.13
N LEU A 201 10.22 5.08 -1.70
CA LEU A 201 11.43 5.86 -1.49
C LEU A 201 11.58 6.23 -0.02
N TYR A 202 12.83 6.32 0.43
CA TYR A 202 13.14 6.73 1.81
C TYR A 202 14.38 7.61 1.77
N SER A 203 14.22 8.89 2.11
CA SER A 203 15.32 9.85 2.16
C SER A 203 15.65 10.11 3.62
N ILE A 204 16.91 9.90 4.01
CA ILE A 204 17.32 10.22 5.37
C ILE A 204 17.40 11.74 5.53
N PRO A 205 18.00 12.46 4.60
CA PRO A 205 18.00 13.93 4.71
C PRO A 205 16.59 14.48 4.62
N LYS A 206 16.35 15.55 5.37
CA LYS A 206 15.04 16.16 5.49
C LYS A 206 14.80 17.17 4.36
N MET A 207 13.56 17.68 4.30
CA MET A 207 13.13 18.53 3.20
C MET A 207 13.68 19.95 3.28
N PHE A 208 14.20 20.37 4.43
CA PHE A 208 14.88 21.67 4.42
C PHE A 208 16.27 21.58 3.79
N PHE A 209 16.68 20.39 3.35
CA PHE A 209 17.86 20.20 2.52
CA PHE A 209 17.86 20.20 2.52
C PHE A 209 17.41 19.97 1.08
N GLY A 210 18.01 20.69 0.13
CA GLY A 210 17.64 20.52 -1.27
C GLY A 210 17.58 19.06 -1.70
N TYR A 211 18.59 18.28 -1.30
CA TYR A 211 18.60 16.85 -1.56
C TYR A 211 17.32 16.19 -1.07
N GLY A 212 16.96 16.43 0.19
CA GLY A 212 15.76 15.83 0.74
C GLY A 212 14.49 16.33 0.07
N MET A 213 14.42 17.63 -0.22
CA MET A 213 13.20 18.17 -0.82
C MET A 213 12.88 17.45 -2.13
N GLY A 214 13.88 17.25 -2.98
CA GLY A 214 13.65 16.51 -4.21
C GLY A 214 13.24 15.07 -3.96
N ASN A 215 13.98 14.37 -3.08
CA ASN A 215 13.74 12.96 -2.84
C ASN A 215 12.35 12.70 -2.29
N SER A 216 11.94 13.48 -1.29
CA SER A 216 10.74 13.22 -0.50
C SER A 216 9.54 14.01 -0.98
N LEU A 217 9.72 15.27 -1.34
CA LEU A 217 8.56 16.09 -1.68
C LEU A 217 8.15 15.88 -3.14
N PHE A 218 9.10 16.05 -4.07
CA PHE A 218 8.80 16.16 -5.49
C PHE A 218 8.75 14.82 -6.22
N PHE A 219 9.72 13.94 -6.00
CA PHE A 219 9.79 12.71 -6.78
C PHE A 219 8.56 11.80 -6.61
N PRO A 220 7.92 11.74 -5.44
CA PRO A 220 6.66 10.98 -5.39
C PRO A 220 5.64 11.47 -6.40
N TRP A 221 5.41 12.80 -6.47
CA TRP A 221 4.46 13.32 -7.44
C TRP A 221 4.96 13.13 -8.86
N PHE A 222 6.27 13.31 -9.08
CA PHE A 222 6.79 13.39 -10.44
C PHE A 222 6.84 12.01 -11.11
N SER A 223 7.16 10.96 -10.35
CA SER A 223 7.37 9.63 -10.91
C SER A 223 6.31 8.62 -10.46
N GLY A 224 5.27 9.07 -9.77
CA GLY A 224 4.27 8.14 -9.25
C GLY A 224 4.76 7.27 -8.12
N ALA A 225 5.86 7.64 -7.46
CA ALA A 225 6.38 6.88 -6.35
C ALA A 225 5.75 7.36 -5.04
N SER A 226 6.16 6.75 -3.94
CA SER A 226 5.72 7.18 -2.61
C SER A 226 6.94 7.26 -1.70
N ALA A 227 6.87 8.17 -0.74
CA ALA A 227 8.02 8.46 0.12
C ALA A 227 7.62 8.38 1.57
N LEU A 228 8.50 7.81 2.38
CA LEU A 228 8.34 7.78 3.82
C LEU A 228 8.80 9.11 4.42
N LEU A 229 7.92 9.76 5.17
CA LEU A 229 8.25 11.01 5.85
C LEU A 229 8.31 10.78 7.35
N ASP A 230 9.33 11.34 8.00
CA ASP A 230 9.60 11.11 9.41
C ASP A 230 9.91 12.44 10.06
N ASP A 231 9.16 12.80 11.10
CA ASP A 231 9.35 14.06 11.79
C ASP A 231 10.39 13.99 12.90
N THR A 232 10.99 12.83 13.13
CA THR A 232 12.03 12.66 14.13
C THR A 232 13.41 12.68 13.50
N TRP A 233 14.42 12.95 14.31
CA TRP A 233 15.76 12.97 13.77
CA TRP A 233 15.79 12.96 13.84
C TRP A 233 16.21 11.55 13.41
N PRO A 234 17.08 11.42 12.41
CA PRO A 234 17.49 10.08 11.95
C PRO A 234 18.64 9.46 12.74
N SER A 235 18.32 8.98 13.93
CA SER A 235 19.27 8.16 14.65
C SER A 235 19.42 6.82 13.92
N PRO A 236 20.59 6.19 13.98
CA PRO A 236 20.75 4.92 13.26
C PRO A 236 19.73 3.87 13.66
N GLU A 237 19.26 3.90 14.91
CA GLU A 237 18.23 2.96 15.34
C GLU A 237 16.87 3.35 14.76
N ARG A 238 16.59 4.66 14.65
CA ARG A 238 15.37 5.11 13.99
C ARG A 238 15.38 4.74 12.51
N VAL A 239 16.53 4.89 11.86
CA VAL A 239 16.64 4.56 10.44
C VAL A 239 16.38 3.08 10.22
N LEU A 240 16.97 2.24 11.06
CA LEU A 240 16.80 0.79 10.93
C LEU A 240 15.35 0.40 11.10
N GLU A 241 14.68 0.96 12.12
CA GLU A 241 13.24 0.76 12.27
C GLU A 241 12.51 1.06 10.97
N ASN A 242 12.81 2.22 10.39
CA ASN A 242 12.09 2.64 9.18
C ASN A 242 12.37 1.69 8.02
N LEU A 243 13.61 1.21 7.90
CA LEU A 243 13.94 0.30 6.80
C LEU A 243 13.12 -0.97 6.88
N VAL A 244 12.92 -1.51 8.08
CA VAL A 244 12.22 -2.78 8.21
C VAL A 244 10.71 -2.57 8.12
N ALA A 245 10.20 -1.44 8.61
CA ALA A 245 8.78 -1.18 8.56
C ALA A 245 8.33 -0.83 7.14
N PHE A 246 9.17 -0.10 6.40
CA PHE A 246 8.80 0.47 5.11
C PHE A 246 9.35 -0.33 3.92
N ARG A 247 10.55 -0.86 4.03
CA ARG A 247 11.14 -1.69 2.98
CA ARG A 247 11.12 -1.69 2.98
C ARG A 247 11.21 -0.92 1.67
N PRO A 248 11.94 0.18 1.62
CA PRO A 248 12.01 0.99 0.39
C PRO A 248 12.85 0.30 -0.68
N ARG A 249 12.46 0.54 -1.94
CA ARG A 249 13.31 0.11 -3.05
C ARG A 249 14.50 1.04 -3.23
N VAL A 250 14.29 2.35 -3.05
CA VAL A 250 15.35 3.34 -3.24
C VAL A 250 15.66 3.97 -1.88
N LEU A 251 16.94 4.00 -1.53
CA LEU A 251 17.42 4.65 -0.31
C LEU A 251 18.29 5.83 -0.70
N PHE A 252 17.90 7.02 -0.26
CA PHE A 252 18.70 8.23 -0.47
C PHE A 252 19.48 8.50 0.81
N GLY A 253 20.77 8.21 0.78
CA GLY A 253 21.61 8.37 1.95
C GLY A 253 22.80 9.28 1.71
N VAL A 254 23.73 9.25 2.65
CA VAL A 254 25.00 9.96 2.55
C VAL A 254 26.08 8.98 3.01
N PRO A 255 27.37 9.27 2.81
CA PRO A 255 28.40 8.28 3.18
C PRO A 255 28.36 7.86 4.64
N ALA A 256 28.20 8.79 5.58
CA ALA A 256 28.20 8.41 6.99
C ALA A 256 27.07 7.45 7.30
N ILE A 257 25.92 7.64 6.67
CA ILE A 257 24.78 6.75 6.92
C ILE A 257 25.15 5.31 6.57
N TYR A 258 25.63 5.10 5.35
CA TYR A 258 26.03 3.76 4.95
C TYR A 258 27.11 3.21 5.85
N ALA A 259 28.01 4.07 6.33
CA ALA A 259 28.99 3.63 7.33
C ALA A 259 28.28 3.11 8.58
N SER A 260 27.21 3.78 9.00
CA SER A 260 26.49 3.39 10.21
C SER A 260 25.63 2.14 10.00
N LEU A 261 25.34 1.78 8.75
CA LEU A 261 24.45 0.66 8.45
C LEU A 261 25.19 -0.66 8.24
N ARG A 262 26.53 -0.65 8.27
CA ARG A 262 27.31 -1.87 8.08
C ARG A 262 26.89 -3.03 8.96
N PRO A 263 26.73 -2.87 10.28
CA PRO A 263 26.31 -4.01 11.11
C PRO A 263 24.95 -4.57 10.74
N GLN A 264 24.12 -3.79 10.05
CA GLN A 264 22.77 -4.20 9.67
C GLN A 264 22.67 -4.49 8.17
N ALA A 265 23.78 -4.91 7.56
CA ALA A 265 23.78 -5.12 6.11
C ALA A 265 22.68 -6.10 5.70
N ARG A 266 22.46 -7.15 6.49
CA ARG A 266 21.42 -8.12 6.19
C ARG A 266 20.05 -7.44 6.02
N GLU A 267 19.65 -6.64 7.01
CA GLU A 267 18.36 -5.97 6.91
C GLU A 267 18.32 -5.02 5.71
N LEU A 268 19.41 -4.31 5.46
CA LEU A 268 19.43 -3.34 4.36
C LEU A 268 19.21 -4.03 3.03
N LEU A 269 20.02 -5.04 2.72
CA LEU A 269 19.93 -5.73 1.45
C LEU A 269 18.63 -6.52 1.30
N SER A 270 17.92 -6.76 2.40
CA SER A 270 16.64 -7.44 2.32
C SER A 270 15.59 -6.61 1.60
N SER A 271 15.75 -5.29 1.55
CA SER A 271 14.77 -4.42 0.92
C SER A 271 15.37 -3.51 -0.15
N VAL A 272 16.40 -2.76 0.22
CA VAL A 272 16.92 -1.71 -0.64
C VAL A 272 17.52 -2.33 -1.90
N ARG A 273 17.03 -1.91 -3.06
CA ARG A 273 17.61 -2.34 -4.32
C ARG A 273 18.41 -1.24 -5.02
N LEU A 274 18.08 0.02 -4.78
CA LEU A 274 18.81 1.15 -5.34
C LEU A 274 19.28 2.02 -4.18
N ALA A 275 20.59 2.01 -3.92
CA ALA A 275 21.17 2.80 -2.85
C ALA A 275 21.91 3.98 -3.46
N PHE A 276 21.49 5.18 -3.09
CA PHE A 276 22.14 6.41 -3.56
C PHE A 276 22.84 7.11 -2.39
N SER A 277 23.91 7.82 -2.73
CA SER A 277 24.66 8.60 -1.76
C SER A 277 24.98 9.95 -2.38
N ALA A 278 24.76 11.02 -1.60
CA ALA A 278 25.08 12.37 -2.04
C ALA A 278 25.52 13.17 -0.83
N GLY A 279 25.98 14.39 -1.06
CA GLY A 279 26.35 15.29 0.02
C GLY A 279 27.85 15.44 0.16
N SER A 280 28.59 14.35 0.01
CA SER A 280 30.03 14.35 0.10
C SER A 280 30.57 13.10 -0.57
N PRO A 281 31.86 13.04 -0.89
CA PRO A 281 32.38 11.92 -1.66
C PRO A 281 32.22 10.61 -0.91
N LEU A 282 31.69 9.60 -1.60
CA LEU A 282 31.57 8.28 -1.03
C LEU A 282 32.96 7.62 -1.02
N PRO A 283 33.53 7.30 0.14
CA PRO A 283 34.86 6.69 0.14
C PRO A 283 34.87 5.36 -0.59
N ARG A 284 36.01 5.06 -1.23
CA ARG A 284 36.19 3.78 -1.88
C ARG A 284 35.91 2.63 -0.92
N GLY A 285 36.35 2.77 0.33
CA GLY A 285 36.13 1.72 1.30
C GLY A 285 34.67 1.43 1.54
N GLU A 286 33.84 2.48 1.57
CA GLU A 286 32.41 2.26 1.75
C GLU A 286 31.81 1.58 0.53
N PHE A 287 32.16 2.05 -0.68
CA PHE A 287 31.69 1.40 -1.90
C PHE A 287 32.03 -0.08 -1.92
N GLU A 288 33.29 -0.43 -1.61
CA GLU A 288 33.73 -1.81 -1.78
C GLU A 288 33.18 -2.71 -0.68
N PHE A 289 33.00 -2.20 0.54
CA PHE A 289 32.36 -3.00 1.58
C PHE A 289 30.98 -3.48 1.13
N TRP A 290 30.16 -2.54 0.64
CA TRP A 290 28.81 -2.90 0.25
C TRP A 290 28.78 -3.65 -1.08
N ALA A 291 29.78 -3.42 -1.94
CA ALA A 291 29.89 -4.23 -3.15
C ALA A 291 30.15 -5.70 -2.78
N ALA A 292 31.00 -5.92 -1.78
CA ALA A 292 31.26 -7.28 -1.31
C ALA A 292 29.98 -7.95 -0.82
N HIS A 293 29.03 -7.18 -0.31
CA HIS A 293 27.75 -7.72 0.11
C HIS A 293 26.71 -7.71 -1.00
N GLY A 294 27.05 -7.23 -2.19
CA GLY A 294 26.12 -7.26 -3.30
C GLY A 294 25.20 -6.07 -3.39
N LEU A 295 25.60 -4.91 -2.87
CA LEU A 295 24.81 -3.68 -2.95
C LEU A 295 25.67 -2.60 -3.59
N GLU A 296 25.18 -2.06 -4.70
CA GLU A 296 25.86 -0.98 -5.41
C GLU A 296 25.42 0.37 -4.85
N ILE A 297 26.37 1.14 -4.34
CA ILE A 297 26.08 2.50 -3.87
CA ILE A 297 26.08 2.50 -3.87
C ILE A 297 26.45 3.46 -4.99
N CYS A 298 25.46 4.20 -5.48
CA CYS A 298 25.66 5.18 -6.56
C CYS A 298 25.94 6.54 -5.94
N ASP A 299 27.14 7.05 -6.17
CA ASP A 299 27.56 8.35 -5.67
C ASP A 299 27.23 9.41 -6.71
N GLY A 300 26.56 10.47 -6.27
CA GLY A 300 26.24 11.59 -7.15
C GLY A 300 26.32 12.91 -6.40
N ILE A 301 26.65 13.96 -7.15
CA ILE A 301 26.82 15.30 -6.59
C ILE A 301 25.66 16.17 -7.04
N GLY A 302 25.05 16.88 -6.09
CA GLY A 302 24.10 17.92 -6.39
C GLY A 302 24.44 19.19 -5.62
N ALA A 303 23.79 20.29 -6.01
CA ALA A 303 23.98 21.55 -5.33
C ALA A 303 22.68 22.35 -5.38
N THR A 304 22.39 23.06 -4.29
CA THR A 304 21.14 23.82 -4.21
C THR A 304 20.95 24.71 -5.44
N GLU A 305 22.03 25.36 -5.89
CA GLU A 305 21.96 26.22 -7.06
C GLU A 305 21.71 25.45 -8.35
N VAL A 306 21.71 24.12 -8.30
CA VAL A 306 21.50 23.28 -9.47
C VAL A 306 20.26 22.40 -9.32
N GLY A 307 19.49 22.59 -8.25
CA GLY A 307 18.23 21.91 -8.12
C GLY A 307 18.38 20.55 -7.46
N HIS A 308 19.08 19.65 -8.13
CA HIS A 308 19.37 18.35 -7.54
C HIS A 308 20.67 17.79 -8.11
N VAL A 309 20.79 16.46 -8.12
CA VAL A 309 21.99 15.81 -8.61
C VAL A 309 22.15 16.07 -10.10
N PHE A 310 23.36 16.49 -10.50
CA PHE A 310 23.66 16.79 -11.89
C PHE A 310 24.80 15.96 -12.45
N LEU A 311 25.48 15.16 -11.62
CA LEU A 311 26.65 14.39 -12.02
C LEU A 311 26.72 13.17 -11.11
N ALA A 312 26.71 11.99 -11.69
CA ALA A 312 26.45 10.81 -10.87
C ALA A 312 26.94 9.55 -11.55
N ASN A 313 27.19 8.54 -10.73
CA ASN A 313 27.35 7.18 -11.22
C ASN A 313 25.99 6.63 -11.66
N ARG A 314 25.94 6.06 -12.85
CA ARG A 314 24.67 5.53 -13.31
C ARG A 314 24.42 4.15 -12.69
N PRO A 315 23.19 3.88 -12.24
CA PRO A 315 22.92 2.57 -11.64
C PRO A 315 23.35 1.43 -12.55
N GLY A 316 23.95 0.41 -11.94
CA GLY A 316 24.52 -0.70 -12.68
C GLY A 316 25.89 -0.46 -13.26
N GLN A 317 26.40 0.78 -13.21
CA GLN A 317 27.70 1.10 -13.80
C GLN A 317 28.55 1.95 -12.87
N ALA A 318 28.32 1.89 -11.57
CA ALA A 318 29.07 2.71 -10.63
C ALA A 318 30.49 2.18 -10.46
N ARG A 319 31.41 3.10 -10.16
CA ARG A 319 32.79 2.76 -9.87
C ARG A 319 33.22 3.44 -8.57
N ALA A 320 34.14 2.80 -7.87
CA ALA A 320 34.65 3.35 -6.61
C ALA A 320 35.44 4.63 -6.86
N ASP A 321 35.47 5.49 -5.84
CA ASP A 321 36.25 6.72 -5.86
C ASP A 321 35.98 7.53 -7.13
N SER A 322 34.69 7.76 -7.40
CA SER A 322 34.28 8.43 -8.61
C SER A 322 32.90 9.05 -8.41
N THR A 323 32.69 10.22 -9.03
CA THR A 323 31.37 10.84 -9.05
C THR A 323 30.61 10.56 -10.34
N GLY A 324 31.20 9.83 -11.27
CA GLY A 324 30.48 9.40 -12.46
C GLY A 324 30.49 10.40 -13.59
N LEU A 325 29.39 10.47 -14.33
CA LEU A 325 29.28 11.27 -15.53
C LEU A 325 28.16 12.31 -15.41
N PRO A 326 28.26 13.43 -16.12
CA PRO A 326 27.18 14.42 -16.08
C PRO A 326 25.86 13.81 -16.51
N LEU A 327 24.78 14.21 -15.83
CA LEU A 327 23.48 13.67 -16.19
C LEU A 327 23.07 14.17 -17.57
N PRO A 328 22.11 13.49 -18.21
CA PRO A 328 21.64 13.95 -19.52
C PRO A 328 21.13 15.38 -19.46
N GLY A 329 21.51 16.17 -20.46
CA GLY A 329 21.14 17.56 -20.51
C GLY A 329 22.13 18.50 -19.84
N TYR A 330 22.94 18.01 -18.90
CA TYR A 330 23.88 18.85 -18.19
C TYR A 330 25.21 18.96 -18.94
N GLU A 331 25.89 20.08 -18.71
CA GLU A 331 27.22 20.33 -19.24
C GLU A 331 28.13 20.69 -18.07
N CYS A 332 29.26 19.99 -17.97
CA CYS A 332 30.23 20.22 -16.90
C CYS A 332 31.55 20.67 -17.51
N ARG A 333 32.16 21.66 -16.88
CA ARG A 333 33.42 22.22 -17.34
C ARG A 333 34.36 22.42 -16.15
N LEU A 334 35.66 22.32 -16.42
CA LEU A 334 36.70 22.51 -15.42
C LEU A 334 37.57 23.68 -15.86
N VAL A 335 37.75 24.66 -14.96
CA VAL A 335 38.52 25.85 -15.26
C VAL A 335 39.73 25.89 -14.33
N ASP A 336 40.89 26.25 -14.88
CA ASP A 336 42.11 26.29 -14.10
C ASP A 336 42.22 27.63 -13.37
N ARG A 337 43.34 27.82 -12.68
CA ARG A 337 43.51 28.99 -11.83
C ARG A 337 43.63 30.30 -12.62
N GLU A 338 43.77 30.23 -13.95
CA GLU A 338 43.74 31.43 -14.78
C GLU A 338 42.40 31.58 -15.51
N GLY A 339 41.40 30.79 -15.15
CA GLY A 339 40.09 30.89 -15.78
C GLY A 339 39.95 30.17 -17.11
N HIS A 340 40.96 29.41 -17.54
CA HIS A 340 40.93 28.73 -18.81
C HIS A 340 40.35 27.33 -18.65
N THR A 341 39.60 26.88 -19.67
CA THR A 341 38.97 25.58 -19.63
C THR A 341 40.01 24.48 -19.75
N ILE A 342 39.92 23.48 -18.88
CA ILE A 342 40.84 22.35 -18.87
C ILE A 342 40.29 21.28 -19.79
N GLU A 343 41.09 20.87 -20.78
CA GLU A 343 40.73 19.80 -21.70
C GLU A 343 41.36 18.47 -21.33
N GLU A 344 42.51 18.49 -20.67
CA GLU A 344 43.25 17.28 -20.35
C GLU A 344 42.60 16.52 -19.21
N ALA A 345 42.84 15.21 -19.18
CA ALA A 345 42.41 14.39 -18.07
C ALA A 345 43.43 14.45 -16.93
N GLY A 346 43.01 14.00 -15.75
CA GLY A 346 43.89 14.00 -14.61
C GLY A 346 44.48 15.35 -14.26
N ARG A 347 43.73 16.43 -14.48
CA ARG A 347 44.18 17.79 -14.18
C ARG A 347 43.07 18.53 -13.46
N GLN A 348 43.34 18.97 -12.22
CA GLN A 348 42.30 19.53 -11.37
C GLN A 348 41.89 20.93 -11.81
N GLY A 349 40.62 21.23 -11.63
CA GLY A 349 40.08 22.56 -11.86
C GLY A 349 38.74 22.71 -11.16
N VAL A 350 38.25 23.94 -11.14
CA VAL A 350 36.97 24.25 -10.50
C VAL A 350 35.85 23.81 -11.43
N LEU A 351 34.89 23.09 -10.88
CA LEU A 351 33.78 22.56 -11.66
C LEU A 351 32.71 23.64 -11.83
N LEU A 352 32.41 23.97 -13.09
CA LEU A 352 31.25 24.79 -13.43
C LEU A 352 30.22 23.90 -14.11
N VAL A 353 28.95 24.19 -13.91
CA VAL A 353 27.89 23.36 -14.44
C VAL A 353 26.72 24.23 -14.90
N ARG A 354 26.12 23.83 -16.02
CA ARG A 354 24.84 24.36 -16.48
C ARG A 354 23.98 23.19 -16.92
N GLY A 355 22.68 23.42 -17.01
CA GLY A 355 21.77 22.37 -17.41
C GLY A 355 20.35 22.54 -16.89
N PRO A 356 19.54 21.48 -16.99
CA PRO A 356 18.10 21.63 -16.74
C PRO A 356 17.77 22.16 -15.35
N GLY A 357 18.50 21.75 -14.33
CA GLY A 357 18.21 22.14 -12.96
C GLY A 357 18.75 23.48 -12.52
N LEU A 358 19.52 24.16 -13.37
CA LEU A 358 20.20 25.39 -12.98
C LEU A 358 19.20 26.44 -12.50
N SER A 359 19.45 27.00 -11.33
CA SER A 359 18.61 28.03 -10.76
C SER A 359 18.76 29.35 -11.52
N PRO A 360 17.68 30.14 -11.64
CA PRO A 360 17.81 31.48 -12.25
C PRO A 360 18.64 32.46 -11.43
N GLY A 361 18.93 32.14 -10.17
CA GLY A 361 19.76 32.99 -9.34
C GLY A 361 19.28 33.09 -7.91
N TYR A 362 19.98 33.85 -7.08
CA TYR A 362 19.59 34.04 -5.69
C TYR A 362 18.48 35.08 -5.58
N TRP A 363 17.61 34.89 -4.59
CA TRP A 363 16.49 35.81 -4.38
C TRP A 363 16.98 37.19 -4.02
N ARG A 364 17.94 37.27 -3.12
CA ARG A 364 18.52 38.54 -2.68
C ARG A 364 20.00 38.31 -2.43
N ALA A 365 20.83 39.11 -3.09
CA ALA A 365 22.26 38.88 -3.03
C ALA A 365 23.01 40.11 -3.51
N SER A 366 24.24 40.23 -3.05
CA SER A 366 25.15 41.25 -3.53
C SER A 366 25.64 40.88 -4.93
N GLU A 367 26.33 41.83 -5.56
CA GLU A 367 26.96 41.56 -6.85
C GLU A 367 27.94 40.40 -6.75
N GLU A 368 28.75 40.37 -5.70
CA GLU A 368 29.75 39.31 -5.58
C GLU A 368 29.07 37.95 -5.37
N GLN A 369 28.00 37.92 -4.60
CA GLN A 369 27.28 36.67 -4.38
C GLN A 369 26.71 36.12 -5.69
N GLN A 370 25.98 36.96 -6.45
CA GLN A 370 25.42 36.52 -7.72
C GLN A 370 26.50 36.13 -8.72
N ALA A 371 27.74 36.57 -8.52
CA ALA A 371 28.80 36.21 -9.47
C ALA A 371 29.00 34.70 -9.55
N ARG A 372 28.49 33.95 -8.57
CA ARG A 372 28.57 32.50 -8.66
C ARG A 372 27.84 31.98 -9.90
N PHE A 373 26.83 32.72 -10.38
CA PHE A 373 26.07 32.35 -11.56
C PHE A 373 26.59 33.02 -12.83
N ALA A 374 27.80 33.58 -12.78
CA ALA A 374 28.32 34.38 -13.89
C ALA A 374 28.37 33.56 -15.18
N GLY A 375 27.91 34.16 -16.28
CA GLY A 375 28.07 33.59 -17.60
C GLY A 375 27.09 32.49 -17.94
N GLY A 376 26.07 32.26 -17.14
CA GLY A 376 25.16 31.16 -17.37
C GLY A 376 25.61 29.84 -16.79
N TRP A 377 26.62 29.85 -15.92
CA TRP A 377 27.11 28.67 -15.23
C TRP A 377 26.95 28.88 -13.74
N TYR A 378 26.89 27.78 -13.00
CA TYR A 378 27.06 27.82 -11.55
C TYR A 378 28.48 27.37 -11.20
N ARG A 379 29.19 28.21 -10.45
CA ARG A 379 30.54 27.90 -10.00
C ARG A 379 30.44 27.14 -8.68
N THR A 380 30.69 25.83 -8.72
CA THR A 380 30.47 24.99 -7.54
C THR A 380 31.43 25.33 -6.41
N GLY A 381 32.66 25.74 -6.73
CA GLY A 381 33.71 25.83 -5.75
C GLY A 381 34.37 24.51 -5.43
N ASP A 382 34.03 23.45 -6.17
CA ASP A 382 34.61 22.13 -5.98
C ASP A 382 35.73 21.92 -6.98
N LEU A 383 36.86 21.40 -6.51
CA LEU A 383 37.91 20.94 -7.40
C LEU A 383 37.58 19.53 -7.89
N PHE A 384 37.72 19.30 -9.18
CA PHE A 384 37.41 18.02 -9.80
C PHE A 384 38.45 17.71 -10.87
N GLU A 385 38.59 16.41 -11.17
CA GLU A 385 39.38 15.98 -12.31
CA GLU A 385 39.40 15.92 -12.26
C GLU A 385 38.57 15.00 -13.14
N ARG A 386 38.92 14.96 -14.42
CA ARG A 386 38.29 14.08 -15.39
C ARG A 386 39.28 12.99 -15.77
N ASP A 387 38.80 11.75 -15.90
CA ASP A 387 39.65 10.68 -16.38
C ASP A 387 39.55 10.58 -17.91
N GLU A 388 40.20 9.58 -18.48
CA GLU A 388 40.24 9.45 -19.94
CA GLU A 388 40.24 9.45 -19.94
C GLU A 388 38.86 9.16 -20.52
N SER A 389 37.98 8.52 -19.75
CA SER A 389 36.65 8.18 -20.23
C SER A 389 35.65 9.31 -20.02
N GLY A 390 36.03 10.40 -19.38
CA GLY A 390 35.14 11.50 -19.12
C GLY A 390 34.52 11.52 -17.74
N ALA A 391 34.77 10.50 -16.92
CA ALA A 391 34.21 10.46 -15.57
C ALA A 391 34.95 11.41 -14.65
N TYR A 392 34.23 11.94 -13.67
CA TYR A 392 34.74 12.95 -12.76
C TYR A 392 35.08 12.36 -11.39
N ARG A 393 35.97 13.05 -10.69
CA ARG A 393 36.45 12.61 -9.38
C ARG A 393 36.68 13.84 -8.52
N HIS A 394 36.06 13.87 -7.36
CA HIS A 394 36.16 15.02 -6.47
C HIS A 394 37.56 15.11 -5.89
N CYS A 395 38.14 16.31 -5.90
CA CYS A 395 39.51 16.51 -5.44
C CYS A 395 39.63 17.58 -4.36
N GLY A 396 38.51 18.03 -3.79
CA GLY A 396 38.55 19.03 -2.73
C GLY A 396 37.86 20.33 -3.08
N ARG A 397 38.15 21.38 -2.31
CA ARG A 397 37.56 22.70 -2.48
C ARG A 397 38.62 23.70 -2.93
N GLU A 398 38.17 24.76 -3.59
CA GLU A 398 39.07 25.83 -3.98
C GLU A 398 39.20 26.86 -2.86
N SER B 2 -2.85 -39.07 -9.38
CA SER B 2 -2.60 -37.64 -9.23
C SER B 2 -1.35 -37.41 -8.40
N THR B 3 -0.75 -36.23 -8.54
CA THR B 3 0.48 -35.89 -7.83
C THR B 3 0.13 -35.24 -6.49
N LEU B 4 0.79 -35.69 -5.43
CA LEU B 4 0.52 -35.18 -4.09
C LEU B 4 0.92 -33.71 -3.99
N ALA B 5 0.08 -32.93 -3.30
CA ALA B 5 0.31 -31.50 -3.18
C ALA B 5 -0.26 -30.99 -1.86
N ASN B 6 -0.01 -29.72 -1.58
CA ASN B 6 -0.47 -29.07 -0.36
C ASN B 6 -1.02 -27.69 -0.72
N LEU B 7 -2.22 -27.39 -0.22
CA LEU B 7 -2.92 -26.18 -0.65
C LEU B 7 -2.11 -24.92 -0.31
N THR B 8 -1.57 -24.85 0.91
CA THR B 8 -0.78 -23.70 1.29
C THR B 8 0.45 -23.56 0.41
N GLU B 9 1.13 -24.67 0.12
CA GLU B 9 2.29 -24.61 -0.76
C GLU B 9 1.89 -24.13 -2.15
N VAL B 10 0.78 -24.64 -2.67
CA VAL B 10 0.33 -24.24 -4.01
C VAL B 10 0.03 -22.75 -4.05
N LEU B 11 -0.65 -22.23 -3.02
CA LEU B 11 -0.88 -20.79 -2.97
C LEU B 11 0.43 -20.02 -2.89
N PHE B 12 1.36 -20.50 -2.08
CA PHE B 12 2.65 -19.83 -1.93
C PHE B 12 3.43 -19.77 -3.24
N ARG B 13 3.22 -20.73 -4.13
CA ARG B 13 3.95 -20.77 -5.39
C ARG B 13 3.31 -19.94 -6.50
N LEU B 14 2.11 -19.40 -6.29
CA LEU B 14 1.49 -18.57 -7.30
C LEU B 14 2.37 -17.38 -7.61
N ASP B 15 2.45 -17.03 -8.89
CA ASP B 15 3.39 -16.01 -9.36
C ASP B 15 2.82 -14.63 -9.09
N PHE B 16 3.11 -14.09 -7.91
CA PHE B 16 2.76 -12.72 -7.58
C PHE B 16 3.91 -12.08 -6.81
N ASP B 17 3.97 -10.75 -6.87
CA ASP B 17 5.06 -10.01 -6.24
C ASP B 17 4.99 -10.18 -4.72
N PRO B 18 6.03 -10.73 -4.08
CA PRO B 18 5.94 -10.98 -2.62
C PRO B 18 5.84 -9.73 -1.77
N ASP B 19 6.26 -8.56 -2.27
CA ASP B 19 6.20 -7.36 -1.46
C ASP B 19 4.81 -6.70 -1.44
N THR B 20 3.88 -7.15 -2.28
CA THR B 20 2.55 -6.54 -2.33
C THR B 20 1.70 -6.98 -1.14
N ALA B 21 0.77 -6.11 -0.75
CA ALA B 21 -0.09 -6.38 0.38
C ALA B 21 -0.93 -7.62 0.16
N VAL B 22 -1.34 -8.26 1.25
CA VAL B 22 -2.27 -9.38 1.18
C VAL B 22 -3.39 -9.18 2.20
N TYR B 23 -3.05 -8.74 3.41
CA TYR B 23 -4.03 -8.53 4.45
C TYR B 23 -3.85 -7.16 5.09
N HIS B 24 -4.96 -6.50 5.39
CA HIS B 24 -4.96 -5.23 6.12
C HIS B 24 -5.75 -5.41 7.41
N TYR B 25 -5.29 -4.78 8.49
CA TYR B 25 -5.85 -5.04 9.81
C TYR B 25 -5.53 -3.88 10.74
N ARG B 26 -6.56 -3.23 11.26
CA ARG B 26 -6.41 -2.20 12.28
C ARG B 26 -5.36 -1.16 11.87
N GLY B 27 -5.49 -0.68 10.65
CA GLY B 27 -4.61 0.36 10.15
C GLY B 27 -3.23 -0.10 9.73
N GLN B 28 -2.95 -1.40 9.78
CA GLN B 28 -1.66 -1.95 9.40
C GLN B 28 -1.81 -2.81 8.16
N THR B 29 -0.68 -3.10 7.51
CA THR B 29 -0.68 -3.88 6.29
C THR B 29 0.41 -4.95 6.36
N LEU B 30 0.07 -6.16 5.90
CA LEU B 30 1.00 -7.27 5.82
C LEU B 30 1.15 -7.68 4.37
N SER B 31 2.39 -7.88 3.94
CA SER B 31 2.67 -8.34 2.59
C SER B 31 2.52 -9.85 2.50
N ARG B 32 2.44 -10.33 1.25
CA ARG B 32 2.52 -11.77 1.02
C ARG B 32 3.76 -12.36 1.67
N LEU B 33 4.89 -11.65 1.58
CA LEU B 33 6.14 -12.17 2.14
C LEU B 33 6.08 -12.28 3.66
N GLN B 34 5.60 -11.23 4.33
CA GLN B 34 5.52 -11.25 5.79
C GLN B 34 4.67 -12.43 6.27
N CYS B 35 3.49 -12.62 5.67
CA CYS B 35 2.63 -13.71 6.11
C CYS B 35 3.24 -15.07 5.78
N ARG B 36 3.84 -15.20 4.61
CA ARG B 36 4.46 -16.47 4.24
C ARG B 36 5.52 -16.86 5.26
N THR B 37 6.34 -15.91 5.68
CA THR B 37 7.36 -16.17 6.68
C THR B 37 6.74 -16.57 8.02
N TYR B 38 5.69 -15.88 8.43
CA TYR B 38 5.04 -16.18 9.70
C TYR B 38 4.34 -17.54 9.65
N ILE B 39 3.73 -17.88 8.51
CA ILE B 39 3.01 -19.14 8.40
C ILE B 39 3.99 -20.31 8.49
N LEU B 40 5.16 -20.16 7.88
CA LEU B 40 6.13 -21.24 7.92
C LEU B 40 6.69 -21.42 9.32
N SER B 41 6.97 -20.31 10.02
CA SER B 41 7.43 -20.40 11.41
C SER B 41 6.38 -21.07 12.27
N GLN B 42 5.13 -20.67 12.12
CA GLN B 42 4.05 -21.23 12.93
C GLN B 42 3.86 -22.71 12.59
N ALA B 43 3.96 -23.05 11.31
CA ALA B 43 3.85 -24.45 10.89
C ALA B 43 4.90 -25.32 11.58
N SER B 44 6.13 -24.83 11.67
CA SER B 44 7.18 -25.58 12.34
C SER B 44 6.80 -25.91 13.78
N GLN B 45 6.04 -25.02 14.43
CA GLN B 45 5.59 -25.31 15.78
C GLN B 45 4.40 -26.28 15.77
N LEU B 46 3.42 -26.05 14.91
CA LEU B 46 2.26 -26.93 14.86
C LEU B 46 2.66 -28.36 14.51
N ALA B 47 3.73 -28.55 13.75
CA ALA B 47 4.19 -29.89 13.42
C ALA B 47 4.67 -30.66 14.65
N ARG B 48 5.09 -29.96 15.70
CA ARG B 48 5.48 -30.62 16.94
C ARG B 48 4.29 -31.05 17.77
N LEU B 49 3.10 -30.54 17.46
CA LEU B 49 1.88 -30.75 18.22
C LEU B 49 0.84 -31.57 17.50
N LEU B 50 0.78 -31.48 16.17
CA LEU B 50 -0.28 -32.06 15.37
C LEU B 50 0.30 -33.06 14.40
N LYS B 51 -0.34 -34.22 14.30
CA LYS B 51 -0.03 -35.21 13.29
C LYS B 51 -0.83 -34.91 12.03
N PRO B 52 -0.38 -35.30 10.85
CA PRO B 52 -1.19 -35.09 9.65
C PRO B 52 -2.57 -35.68 9.85
N GLY B 53 -3.59 -34.89 9.49
CA GLY B 53 -4.96 -35.29 9.59
C GLY B 53 -5.67 -34.80 10.84
N ASP B 54 -4.93 -34.37 11.86
CA ASP B 54 -5.60 -33.91 13.08
C ASP B 54 -6.44 -32.69 12.76
N ARG B 55 -7.64 -32.62 13.36
CA ARG B 55 -8.54 -31.51 13.14
C ARG B 55 -8.30 -30.42 14.19
N VAL B 56 -8.49 -29.18 13.74
CA VAL B 56 -8.33 -28.00 14.58
C VAL B 56 -9.56 -27.13 14.40
N VAL B 57 -10.14 -26.69 15.51
CA VAL B 57 -11.27 -25.75 15.49
C VAL B 57 -10.75 -24.39 15.91
N LEU B 58 -11.01 -23.38 15.08
CA LEU B 58 -10.57 -22.02 15.31
C LEU B 58 -11.81 -21.15 15.56
N ALA B 59 -12.01 -20.75 16.81
CA ALA B 59 -13.14 -19.93 17.20
C ALA B 59 -12.64 -18.51 17.46
N LEU B 60 -12.26 -17.83 16.38
CA LEU B 60 -11.59 -16.54 16.45
C LEU B 60 -12.28 -15.51 15.56
N ASN B 61 -12.19 -14.24 15.97
CA ASN B 61 -12.58 -13.11 15.14
C ASN B 61 -11.65 -12.99 13.92
N ASP B 62 -12.17 -12.39 12.86
CA ASP B 62 -11.36 -12.18 11.66
C ASP B 62 -10.11 -11.38 12.00
N SER B 63 -8.96 -11.85 11.52
CA SER B 63 -7.68 -11.20 11.76
C SER B 63 -6.63 -11.87 10.87
N PRO B 64 -5.51 -11.18 10.60
CA PRO B 64 -4.42 -11.84 9.88
C PRO B 64 -3.95 -13.12 10.53
N SER B 65 -3.90 -13.14 11.87
CA SER B 65 -3.40 -14.30 12.60
C SER B 65 -4.30 -15.51 12.38
N LEU B 66 -5.60 -15.28 12.31
CA LEU B 66 -6.53 -16.37 12.00
C LEU B 66 -6.26 -16.94 10.62
N ALA B 67 -6.22 -16.09 9.60
CA ALA B 67 -5.97 -16.57 8.24
C ALA B 67 -4.65 -17.33 8.17
N CYS B 68 -3.61 -16.80 8.82
CA CYS B 68 -2.30 -17.44 8.75
C CYS B 68 -2.25 -18.72 9.56
N LEU B 69 -2.86 -18.72 10.76
CA LEU B 69 -2.95 -19.94 11.54
C LEU B 69 -3.70 -21.03 10.77
N PHE B 70 -4.75 -20.63 10.07
CA PHE B 70 -5.49 -21.56 9.22
C PHE B 70 -4.60 -22.14 8.14
N LEU B 71 -3.80 -21.30 7.49
CA LEU B 71 -2.92 -21.79 6.43
C LEU B 71 -1.76 -22.61 7.01
N ALA B 72 -1.34 -22.33 8.25
CA ALA B 72 -0.26 -23.10 8.86
C ALA B 72 -0.73 -24.49 9.28
N CYS B 73 -1.97 -24.60 9.78
CA CYS B 73 -2.56 -25.92 10.00
C CYS B 73 -2.52 -26.75 8.73
N ILE B 74 -2.98 -26.17 7.63
CA ILE B 74 -3.00 -26.89 6.37
C ILE B 74 -1.58 -27.27 5.95
N ALA B 75 -0.62 -26.38 6.19
CA ALA B 75 0.77 -26.64 5.81
C ALA B 75 1.28 -27.95 6.40
N VAL B 76 0.97 -28.22 7.68
CA VAL B 76 1.42 -29.45 8.33
C VAL B 76 0.48 -30.61 8.10
N GLY B 77 -0.58 -30.42 7.33
CA GLY B 77 -1.53 -31.47 7.04
C GLY B 77 -2.67 -31.58 8.01
N ALA B 78 -2.76 -30.69 9.00
CA ALA B 78 -3.93 -30.66 9.86
C ALA B 78 -5.12 -30.11 9.07
N ILE B 79 -6.31 -30.27 9.64
CA ILE B 79 -7.57 -29.97 8.98
C ILE B 79 -8.32 -28.95 9.84
N PRO B 80 -8.23 -27.65 9.50
CA PRO B 80 -8.85 -26.64 10.33
C PRO B 80 -10.30 -26.32 9.95
N ALA B 81 -11.02 -25.79 10.92
CA ALA B 81 -12.38 -25.26 10.73
C ALA B 81 -12.51 -23.97 11.51
N VAL B 82 -13.05 -22.94 10.86
CA VAL B 82 -13.25 -21.63 11.46
C VAL B 82 -14.72 -21.49 11.83
N ILE B 83 -15.00 -21.23 13.10
CA ILE B 83 -16.37 -21.10 13.58
C ILE B 83 -16.55 -19.79 14.32
N ASN B 84 -17.81 -19.42 14.48
CA ASN B 84 -18.21 -18.19 15.17
C ASN B 84 -17.52 -18.10 16.53
N PRO B 85 -16.69 -17.07 16.77
CA PRO B 85 -16.02 -16.97 18.07
C PRO B 85 -16.97 -16.76 19.23
N LYS B 86 -18.19 -16.30 18.97
CA LYS B 86 -19.21 -16.14 20.00
C LYS B 86 -20.15 -17.33 20.08
N SER B 87 -19.70 -18.51 19.63
CA SER B 87 -20.50 -19.71 19.77
C SER B 87 -20.70 -20.04 21.24
N ARG B 88 -21.90 -20.51 21.59
CA ARG B 88 -22.13 -20.99 22.93
CA ARG B 88 -22.13 -20.99 22.93
CA ARG B 88 -22.13 -20.99 22.93
C ARG B 88 -21.17 -22.13 23.25
N GLU B 89 -20.93 -22.33 24.55
CA GLU B 89 -20.02 -23.39 24.97
C GLU B 89 -20.44 -24.74 24.43
N GLN B 90 -21.74 -25.06 24.51
CA GLN B 90 -22.20 -26.36 24.03
C GLN B 90 -22.10 -26.46 22.51
N ALA B 91 -22.31 -25.35 21.80
CA ALA B 91 -22.23 -25.36 20.35
C ALA B 91 -20.80 -25.60 19.88
N LEU B 92 -19.84 -24.94 20.52
CA LEU B 92 -18.44 -25.18 20.19
CA LEU B 92 -18.44 -25.18 20.19
C LEU B 92 -18.04 -26.60 20.57
N ALA B 93 -18.56 -27.10 21.69
CA ALA B 93 -18.24 -28.47 22.10
C ALA B 93 -18.78 -29.49 21.10
N ASP B 94 -20.02 -29.30 20.64
CA ASP B 94 -20.61 -30.22 19.68
C ASP B 94 -19.82 -30.25 18.37
N ILE B 95 -19.32 -29.09 17.93
CA ILE B 95 -18.56 -29.05 16.68
C ILE B 95 -17.23 -29.74 16.84
N ALA B 96 -16.54 -29.49 17.97
CA ALA B 96 -15.26 -30.14 18.23
C ALA B 96 -15.44 -31.65 18.35
N ALA B 97 -16.56 -32.09 18.92
CA ALA B 97 -16.83 -33.53 19.00
C ALA B 97 -17.14 -34.10 17.62
N ASP B 98 -17.87 -33.36 16.80
CA ASP B 98 -18.25 -33.88 15.49
C ASP B 98 -17.03 -34.17 14.62
N CYS B 99 -16.04 -33.27 14.62
CA CYS B 99 -14.82 -33.49 13.87
C CYS B 99 -13.68 -34.02 14.74
N GLN B 100 -13.99 -34.47 15.96
CA GLN B 100 -13.01 -35.07 16.88
C GLN B 100 -11.70 -34.27 16.90
N ALA B 101 -11.81 -32.97 17.14
CA ALA B 101 -10.66 -32.08 17.01
C ALA B 101 -9.61 -32.36 18.07
N SER B 102 -8.35 -32.27 17.67
CA SER B 102 -7.23 -32.39 18.60
C SER B 102 -6.93 -31.09 19.33
N LEU B 103 -7.33 -29.96 18.74
CA LEU B 103 -6.91 -28.66 19.22
C LEU B 103 -8.01 -27.65 18.91
N VAL B 104 -8.34 -26.81 19.89
CA VAL B 104 -9.21 -25.67 19.71
C VAL B 104 -8.44 -24.40 20.10
N VAL B 105 -8.57 -23.37 19.28
CA VAL B 105 -7.93 -22.08 19.53
C VAL B 105 -9.02 -21.04 19.68
N ARG B 106 -9.04 -20.36 20.82
CA ARG B 106 -10.11 -19.44 21.19
C ARG B 106 -9.54 -18.06 21.50
N GLU B 107 -10.44 -17.09 21.63
CA GLU B 107 -10.07 -15.74 22.05
C GLU B 107 -9.63 -15.76 23.51
N ALA B 108 -8.94 -14.68 23.92
CA ALA B 108 -8.43 -14.61 25.28
C ALA B 108 -9.55 -14.82 26.31
N ASP B 109 -10.73 -14.24 26.06
CA ASP B 109 -11.88 -14.40 26.94
C ASP B 109 -12.61 -15.68 26.55
N ALA B 110 -12.14 -16.82 27.09
CA ALA B 110 -12.71 -18.10 26.73
C ALA B 110 -12.37 -19.19 27.75
N PRO B 111 -13.34 -19.98 28.21
CA PRO B 111 -13.06 -21.12 29.07
C PRO B 111 -12.60 -22.35 28.28
N SER B 112 -12.27 -23.40 29.01
CA SER B 112 -11.68 -24.60 28.42
C SER B 112 -12.71 -25.70 28.23
N LEU B 113 -12.37 -26.65 27.37
CA LEU B 113 -13.23 -27.80 27.09
C LEU B 113 -12.83 -29.01 27.93
N ALA B 118 -12.54 -32.30 26.04
CA ALA B 118 -11.63 -33.32 25.53
C ALA B 118 -10.42 -32.74 24.78
N PRO B 119 -10.63 -31.75 23.91
CA PRO B 119 -9.50 -31.22 23.13
C PRO B 119 -8.69 -30.19 23.90
N LEU B 120 -7.40 -30.20 23.63
CA LEU B 120 -6.51 -29.15 24.11
C LEU B 120 -6.98 -27.79 23.59
N THR B 121 -7.09 -26.82 24.48
CA THR B 121 -7.52 -25.46 24.13
C THR B 121 -6.40 -24.46 24.33
N LEU B 122 -6.11 -23.69 23.29
CA LEU B 122 -5.20 -22.55 23.36
C LEU B 122 -5.97 -21.26 23.10
N ARG B 123 -5.33 -20.14 23.48
CA ARG B 123 -6.00 -18.84 23.45
C ARG B 123 -5.12 -17.80 22.76
N ALA B 124 -5.79 -16.88 22.07
CA ALA B 124 -5.12 -15.73 21.51
C ALA B 124 -4.64 -14.80 22.63
N ALA B 125 -3.70 -13.93 22.28
CA ALA B 125 -3.24 -12.93 23.22
C ALA B 125 -4.25 -11.81 23.33
N ALA B 126 -4.16 -11.06 24.42
CA ALA B 126 -4.92 -9.83 24.54
C ALA B 126 -4.21 -8.70 23.80
N GLY B 127 -4.97 -7.66 23.50
CA GLY B 127 -4.42 -6.50 22.84
C GLY B 127 -4.50 -6.50 21.33
N ARG B 128 -5.05 -7.55 20.74
CA ARG B 128 -5.24 -7.63 19.29
C ARG B 128 -3.95 -7.31 18.53
N PRO B 129 -2.87 -8.06 18.78
CA PRO B 129 -1.62 -7.83 18.06
C PRO B 129 -1.77 -8.16 16.59
N LEU B 130 -0.92 -7.54 15.77
CA LEU B 130 -0.95 -7.81 14.34
C LEU B 130 -0.69 -9.29 14.07
N LEU B 131 0.28 -9.88 14.76
CA LEU B 131 0.55 -11.31 14.65
C LEU B 131 0.58 -11.91 16.05
N ASP B 132 0.05 -13.13 16.17
CA ASP B 132 -0.16 -13.79 17.44
C ASP B 132 0.50 -15.16 17.39
N ASP B 133 1.12 -15.56 18.51
CA ASP B 133 1.72 -16.89 18.60
C ASP B 133 0.82 -17.90 19.27
N PHE B 134 -0.30 -17.47 19.86
CA PHE B 134 -1.27 -18.38 20.47
C PHE B 134 -0.61 -19.31 21.48
N SER B 135 0.41 -18.80 22.17
CA SER B 135 1.13 -19.48 23.24
C SER B 135 1.97 -20.65 22.75
N LEU B 136 2.17 -20.80 21.44
CA LEU B 136 2.92 -21.93 20.93
C LEU B 136 4.38 -21.86 21.36
N ASP B 137 4.96 -20.67 21.42
CA ASP B 137 6.34 -20.53 21.87
C ASP B 137 6.53 -21.19 23.24
N ALA B 138 5.58 -20.97 24.16
CA ALA B 138 5.69 -21.56 25.49
C ALA B 138 5.38 -23.05 25.47
N LEU B 139 4.53 -23.49 24.56
CA LEU B 139 4.07 -24.88 24.59
C LEU B 139 5.05 -25.83 23.93
N VAL B 140 5.59 -25.45 22.76
CA VAL B 140 6.47 -26.34 22.00
C VAL B 140 7.82 -25.70 21.68
N GLY B 141 8.10 -24.50 22.19
CA GLY B 141 9.37 -23.85 21.95
C GLY B 141 9.36 -22.97 20.71
N PRO B 142 10.39 -22.14 20.55
CA PRO B 142 10.43 -21.24 19.40
C PRO B 142 10.49 -21.99 18.08
N ALA B 143 10.12 -21.29 17.02
CA ALA B 143 10.00 -21.88 15.69
C ALA B 143 11.37 -22.16 15.07
N ASP B 144 11.36 -23.07 14.10
CA ASP B 144 12.48 -23.23 13.19
C ASP B 144 12.61 -22.01 12.30
N LEU B 145 13.79 -21.83 11.73
CA LEU B 145 14.10 -20.63 10.96
C LEU B 145 13.72 -20.74 9.48
N ASP B 146 13.84 -21.93 8.89
CA ASP B 146 13.64 -22.10 7.46
C ASP B 146 12.80 -23.36 7.21
N TRP B 147 11.62 -23.40 7.81
CA TRP B 147 10.74 -24.56 7.68
C TRP B 147 10.10 -24.61 6.29
N SER B 148 9.95 -25.83 5.77
CA SER B 148 9.30 -26.00 4.47
C SER B 148 8.79 -27.42 4.26
N ALA B 149 8.50 -28.12 5.35
CA ALA B 149 8.15 -29.55 5.30
C ALA B 149 6.65 -29.75 5.12
N PHE B 150 6.12 -29.18 4.03
CA PHE B 150 4.69 -29.31 3.75
C PHE B 150 4.28 -30.78 3.70
N HIS B 151 3.09 -31.07 4.21
CA HIS B 151 2.50 -32.40 4.07
C HIS B 151 1.69 -32.43 2.79
N ARG B 152 2.17 -33.19 1.81
CA ARG B 152 1.52 -33.29 0.51
CA ARG B 152 1.53 -33.30 0.51
C ARG B 152 0.64 -34.53 0.48
N GLN B 153 -0.53 -34.39 -0.14
CA GLN B 153 -1.53 -35.46 -0.12
C GLN B 153 -2.32 -35.46 -1.42
N ASP B 154 -3.22 -36.44 -1.54
CA ASP B 154 -4.13 -36.51 -2.66
C ASP B 154 -4.86 -35.18 -2.82
N PRO B 155 -4.89 -34.58 -4.01
CA PRO B 155 -5.61 -33.31 -4.18
C PRO B 155 -7.11 -33.42 -3.90
N ALA B 156 -7.70 -34.61 -3.96
CA ALA B 156 -9.10 -34.78 -3.68
C ALA B 156 -9.38 -34.98 -2.19
N ALA B 157 -8.34 -35.13 -1.37
CA ALA B 157 -8.51 -35.42 0.04
C ALA B 157 -8.92 -34.18 0.80
N ALA B 158 -9.61 -34.40 1.93
CA ALA B 158 -10.05 -33.31 2.79
C ALA B 158 -8.87 -32.46 3.24
N CYS B 159 -9.00 -31.15 3.01
CA CYS B 159 -8.00 -30.16 3.41
CA CYS B 159 -7.99 -30.17 3.42
C CYS B 159 -8.45 -29.32 4.60
N PHE B 160 -9.70 -28.88 4.61
CA PHE B 160 -10.26 -28.12 5.73
C PHE B 160 -11.77 -28.36 5.74
N LEU B 161 -12.39 -28.00 6.86
CA LEU B 161 -13.83 -28.13 7.02
C LEU B 161 -14.48 -26.75 7.09
N GLN B 162 -15.75 -26.71 6.67
CA GLN B 162 -16.59 -25.53 6.81
C GLN B 162 -17.92 -26.00 7.39
N TYR B 163 -18.24 -25.52 8.59
CA TYR B 163 -19.47 -25.92 9.25
C TYR B 163 -20.59 -24.94 8.91
N THR B 164 -21.74 -25.48 8.53
CA THR B 164 -22.89 -24.68 8.16
C THR B 164 -24.10 -25.09 8.99
N PRO B 171 -25.56 -28.79 12.82
CA PRO B 171 -24.44 -28.37 11.95
C PRO B 171 -23.66 -29.54 11.37
N LYS B 172 -23.37 -29.46 10.08
CA LYS B 172 -22.61 -30.49 9.37
C LYS B 172 -21.29 -29.90 8.90
N GLY B 173 -20.25 -30.73 8.96
CA GLY B 173 -18.94 -30.29 8.50
C GLY B 173 -18.70 -30.61 7.04
N VAL B 174 -18.69 -29.59 6.19
CA VAL B 174 -18.44 -29.79 4.76
C VAL B 174 -16.96 -29.95 4.53
N MET B 175 -16.56 -31.04 3.87
CA MET B 175 -15.16 -31.25 3.53
C MET B 175 -14.80 -30.47 2.27
N HIS B 176 -13.67 -29.80 2.29
CA HIS B 176 -13.12 -29.17 1.10
C HIS B 176 -11.70 -29.67 0.87
N SER B 177 -11.39 -29.92 -0.39
CA SER B 177 -10.10 -30.44 -0.83
C SER B 177 -9.31 -29.35 -1.54
N LEU B 178 -8.04 -29.63 -1.76
CA LEU B 178 -7.21 -28.74 -2.57
C LEU B 178 -7.84 -28.52 -3.94
N ARG B 179 -8.36 -29.58 -4.56
CA ARG B 179 -8.80 -29.49 -5.94
C ARG B 179 -10.06 -28.63 -6.08
N ASN B 180 -11.08 -28.90 -5.26
CA ASN B 180 -12.31 -28.13 -5.40
C ASN B 180 -12.18 -26.74 -4.78
N THR B 181 -11.17 -26.51 -3.94
CA THR B 181 -10.91 -25.15 -3.46
C THR B 181 -10.34 -24.28 -4.57
N LEU B 182 -9.25 -24.74 -5.20
CA LEU B 182 -8.77 -24.06 -6.40
C LEU B 182 -9.87 -24.01 -7.44
N GLY B 183 -10.77 -24.99 -7.44
CA GLY B 183 -11.85 -25.02 -8.40
C GLY B 183 -12.81 -23.86 -8.23
N PHE B 184 -13.25 -23.59 -6.99
CA PHE B 184 -14.20 -22.51 -6.82
C PHE B 184 -13.52 -21.14 -6.87
N CYS B 185 -12.23 -21.08 -6.51
CA CYS B 185 -11.47 -19.84 -6.69
C CYS B 185 -11.36 -19.47 -8.17
N ARG B 186 -10.99 -20.43 -9.03
CA ARG B 186 -10.82 -20.12 -10.44
C ARG B 186 -12.12 -19.62 -11.05
N ALA B 187 -13.23 -20.32 -10.79
CA ALA B 187 -14.51 -19.98 -11.43
C ALA B 187 -14.97 -18.58 -11.05
N PHE B 188 -14.82 -18.20 -9.78
CA PHE B 188 -15.35 -16.93 -9.28
C PHE B 188 -14.32 -15.80 -9.36
N ALA B 189 -13.17 -15.97 -8.70
CA ALA B 189 -12.18 -14.91 -8.66
C ALA B 189 -11.64 -14.60 -10.04
N THR B 190 -11.43 -15.62 -10.86
CA THR B 190 -10.84 -15.43 -12.19
C THR B 190 -11.89 -15.25 -13.28
N GLU B 191 -12.75 -16.25 -13.47
CA GLU B 191 -13.61 -16.28 -14.65
C GLU B 191 -14.75 -15.27 -14.54
N LEU B 192 -15.28 -15.08 -13.33
CA LEU B 192 -16.44 -14.20 -13.16
C LEU B 192 -16.01 -12.78 -12.80
N LEU B 193 -15.18 -12.63 -11.77
CA LEU B 193 -14.77 -11.31 -11.29
C LEU B 193 -13.53 -10.78 -11.98
N ALA B 194 -12.69 -11.65 -12.53
CA ALA B 194 -11.42 -11.25 -13.13
C ALA B 194 -10.67 -10.30 -12.20
N LEU B 195 -10.45 -10.76 -10.97
CA LEU B 195 -9.70 -9.96 -10.00
C LEU B 195 -8.27 -9.76 -10.49
N GLN B 196 -7.76 -8.55 -10.30
CA GLN B 196 -6.42 -8.18 -10.74
C GLN B 196 -5.50 -8.03 -9.53
N ALA B 197 -4.21 -8.28 -9.76
CA ALA B 197 -3.23 -8.11 -8.69
C ALA B 197 -3.25 -6.67 -8.20
N GLY B 198 -3.19 -6.51 -6.88
CA GLY B 198 -3.30 -5.21 -6.25
C GLY B 198 -4.71 -4.79 -5.88
N ASP B 199 -5.73 -5.48 -6.38
CA ASP B 199 -7.11 -5.15 -6.04
C ASP B 199 -7.32 -5.22 -4.53
N ARG B 200 -8.01 -4.21 -3.99
CA ARG B 200 -8.41 -4.21 -2.59
C ARG B 200 -9.82 -4.76 -2.44
N LEU B 201 -9.98 -5.74 -1.56
CA LEU B 201 -11.26 -6.40 -1.31
C LEU B 201 -11.74 -6.13 0.12
N TYR B 202 -13.07 -6.08 0.28
CA TYR B 202 -13.65 -5.87 1.61
C TYR B 202 -14.91 -6.72 1.70
N SER B 203 -14.87 -7.75 2.56
CA SER B 203 -15.99 -8.65 2.80
C SER B 203 -16.61 -8.31 4.15
N ILE B 204 -17.90 -8.01 4.16
CA ILE B 204 -18.60 -7.76 5.43
C ILE B 204 -18.77 -9.09 6.17
N PRO B 205 -19.21 -10.16 5.52
CA PRO B 205 -19.28 -11.45 6.22
C PRO B 205 -17.89 -11.94 6.63
N LYS B 206 -17.83 -12.59 7.79
CA LYS B 206 -16.59 -13.04 8.39
C LYS B 206 -16.17 -14.41 7.86
N MET B 207 -14.98 -14.85 8.26
CA MET B 207 -14.37 -16.04 7.68
C MET B 207 -14.98 -17.34 8.18
N PHE B 208 -15.73 -17.33 9.29
CA PHE B 208 -16.46 -18.53 9.66
C PHE B 208 -17.71 -18.76 8.79
N PHE B 209 -17.92 -17.88 7.81
CA PHE B 209 -18.91 -18.08 6.75
CA PHE B 209 -18.91 -18.08 6.75
C PHE B 209 -18.17 -18.42 5.46
N GLY B 210 -18.60 -19.50 4.79
CA GLY B 210 -17.96 -19.89 3.54
C GLY B 210 -17.77 -18.72 2.58
N TYR B 211 -18.79 -17.89 2.43
CA TYR B 211 -18.70 -16.69 1.60
C TYR B 211 -17.51 -15.83 2.02
N GLY B 212 -17.42 -15.50 3.31
CA GLY B 212 -16.33 -14.67 3.78
C GLY B 212 -14.97 -15.33 3.65
N MET B 213 -14.88 -16.63 3.93
CA MET B 213 -13.59 -17.31 3.87
C MET B 213 -12.99 -17.20 2.48
N GLY B 214 -13.79 -17.45 1.45
CA GLY B 214 -13.29 -17.27 0.09
C GLY B 214 -12.89 -15.84 -0.18
N ASN B 215 -13.76 -14.89 0.18
CA ASN B 215 -13.52 -13.48 -0.12
C ASN B 215 -12.25 -12.98 0.56
N SER B 216 -12.09 -13.28 1.84
CA SER B 216 -11.08 -12.66 2.69
C SER B 216 -9.83 -13.50 2.83
N LEU B 217 -9.97 -14.81 2.99
CA LEU B 217 -8.82 -15.67 3.24
C LEU B 217 -8.14 -16.09 1.94
N PHE B 218 -8.87 -16.67 1.01
CA PHE B 218 -8.27 -17.32 -0.16
C PHE B 218 -8.03 -16.37 -1.35
N PHE B 219 -9.01 -15.54 -1.70
CA PHE B 219 -8.88 -14.75 -2.91
C PHE B 219 -7.67 -13.81 -2.90
N PRO B 220 -7.26 -13.22 -1.78
CA PRO B 220 -6.01 -12.46 -1.79
C PRO B 220 -4.82 -13.28 -2.27
N TRP B 221 -4.64 -14.49 -1.74
CA TRP B 221 -3.54 -15.34 -2.18
C TRP B 221 -3.75 -15.78 -3.62
N PHE B 222 -4.99 -16.09 -4.01
CA PHE B 222 -5.24 -16.72 -5.30
C PHE B 222 -5.06 -15.74 -6.44
N SER B 223 -5.47 -14.48 -6.26
CA SER B 223 -5.47 -13.49 -7.33
C SER B 223 -4.49 -12.36 -7.11
N GLY B 224 -3.62 -12.45 -6.09
CA GLY B 224 -2.71 -11.36 -5.82
C GLY B 224 -3.38 -10.11 -5.28
N ALA B 225 -4.60 -10.24 -4.76
CA ALA B 225 -5.31 -9.11 -4.18
C ALA B 225 -4.98 -9.00 -2.70
N SER B 226 -5.58 -8.00 -2.04
CA SER B 226 -5.47 -7.84 -0.61
C SER B 226 -6.85 -7.59 -0.01
N ALA B 227 -7.03 -8.01 1.23
CA ALA B 227 -8.34 -7.96 1.88
C ALA B 227 -8.24 -7.27 3.23
N LEU B 228 -9.23 -6.44 3.52
CA LEU B 228 -9.36 -5.81 4.82
C LEU B 228 -10.00 -6.79 5.80
N LEU B 229 -9.32 -7.06 6.92
CA LEU B 229 -9.83 -7.93 7.95
C LEU B 229 -10.20 -7.10 9.18
N ASP B 230 -11.35 -7.42 9.78
CA ASP B 230 -11.90 -6.65 10.89
C ASP B 230 -12.44 -7.62 11.93
N ASP B 231 -11.91 -7.53 13.16
CA ASP B 231 -12.33 -8.43 14.22
C ASP B 231 -13.55 -7.94 14.97
N THR B 232 -14.09 -6.77 14.62
CA THR B 232 -15.27 -6.25 15.29
C THR B 232 -16.50 -6.55 14.45
N TRP B 233 -17.66 -6.44 15.07
CA TRP B 233 -18.89 -6.75 14.37
C TRP B 233 -19.18 -5.65 13.35
N PRO B 234 -19.78 -6.00 12.20
CA PRO B 234 -20.00 -5.02 11.13
C PRO B 234 -21.28 -4.20 11.29
N SER B 235 -21.24 -3.26 12.23
CA SER B 235 -22.29 -2.26 12.32
C SER B 235 -22.20 -1.32 11.12
N PRO B 236 -23.32 -0.75 10.68
CA PRO B 236 -23.27 0.15 9.50
C PRO B 236 -22.29 1.30 9.66
N GLU B 237 -22.08 1.78 10.90
CA GLU B 237 -21.10 2.84 11.09
C GLU B 237 -19.67 2.30 10.98
N ARG B 238 -19.43 1.08 11.45
CA ARG B 238 -18.13 0.46 11.25
C ARG B 238 -17.87 0.21 9.77
N VAL B 239 -18.88 -0.25 9.03
CA VAL B 239 -18.71 -0.53 7.62
C VAL B 239 -18.35 0.75 6.87
N LEU B 240 -19.05 1.85 7.19
CA LEU B 240 -18.77 3.13 6.56
C LEU B 240 -17.34 3.59 6.87
N GLU B 241 -16.94 3.49 8.14
CA GLU B 241 -15.56 3.78 8.50
C GLU B 241 -14.60 3.01 7.60
N ASN B 242 -14.81 1.70 7.48
CA ASN B 242 -13.88 0.88 6.70
C ASN B 242 -13.90 1.28 5.22
N LEU B 243 -15.07 1.62 4.70
CA LEU B 243 -15.17 2.03 3.30
C LEU B 243 -14.32 3.26 3.01
N VAL B 244 -14.34 4.24 3.92
CA VAL B 244 -13.62 5.49 3.64
C VAL B 244 -12.13 5.34 3.91
N ALA B 245 -11.75 4.54 4.90
CA ALA B 245 -10.33 4.38 5.20
C ALA B 245 -9.64 3.49 4.17
N PHE B 246 -10.34 2.49 3.66
CA PHE B 246 -9.74 1.44 2.83
C PHE B 246 -10.00 1.62 1.34
N ARG B 247 -11.17 2.12 0.97
CA ARG B 247 -11.52 2.37 -0.42
CA ARG B 247 -11.49 2.37 -0.43
C ARG B 247 -11.33 1.11 -1.27
N PRO B 248 -12.05 0.03 -0.95
CA PRO B 248 -11.89 -1.20 -1.73
C PRO B 248 -12.49 -1.08 -3.12
N ARG B 249 -11.89 -1.79 -4.07
CA ARG B 249 -12.48 -1.88 -5.41
C ARG B 249 -13.65 -2.84 -5.42
N VAL B 250 -13.55 -3.95 -4.70
CA VAL B 250 -14.58 -4.98 -4.68
C VAL B 250 -15.20 -5.01 -3.29
N LEU B 251 -16.52 -4.94 -3.24
CA LEU B 251 -17.28 -5.02 -1.99
C LEU B 251 -18.10 -6.30 -2.01
N PHE B 252 -17.85 -7.19 -1.05
CA PHE B 252 -18.62 -8.42 -0.89
C PHE B 252 -19.64 -8.18 0.21
N GLY B 253 -20.90 -8.00 -0.17
CA GLY B 253 -21.95 -7.70 0.77
C GLY B 253 -23.11 -8.68 0.71
N VAL B 254 -24.23 -8.31 1.34
CA VAL B 254 -25.47 -9.07 1.27
C VAL B 254 -26.58 -8.05 1.04
N PRO B 255 -27.81 -8.48 0.71
CA PRO B 255 -28.85 -7.47 0.40
C PRO B 255 -29.10 -6.47 1.50
N ALA B 256 -29.16 -6.90 2.76
CA ALA B 256 -29.46 -5.96 3.84
C ALA B 256 -28.37 -4.90 3.96
N ILE B 257 -27.12 -5.28 3.73
CA ILE B 257 -26.02 -4.32 3.83
C ILE B 257 -26.23 -3.17 2.85
N TYR B 258 -26.45 -3.49 1.58
CA TYR B 258 -26.66 -2.45 0.59
C TYR B 258 -27.88 -1.60 0.94
N ALA B 259 -28.91 -2.23 1.52
CA ALA B 259 -30.05 -1.46 2.00
C ALA B 259 -29.61 -0.46 3.06
N SER B 260 -28.68 -0.86 3.95
CA SER B 260 -28.23 0.02 5.01
C SER B 260 -27.30 1.11 4.51
N LEU B 261 -26.72 0.95 3.32
CA LEU B 261 -25.75 1.90 2.78
C LEU B 261 -26.40 2.97 1.90
N ARG B 262 -27.71 2.91 1.67
CA ARG B 262 -28.39 3.90 0.83
C ARG B 262 -28.09 5.33 1.24
N PRO B 263 -28.19 5.72 2.51
CA PRO B 263 -27.91 7.13 2.86
C PRO B 263 -26.48 7.56 2.57
N GLN B 264 -25.55 6.61 2.45
CA GLN B 264 -24.14 6.90 2.23
C GLN B 264 -23.73 6.55 0.80
N ALA B 265 -24.66 6.61 -0.15
CA ALA B 265 -24.36 6.22 -1.52
C ALA B 265 -23.16 6.99 -2.06
N ARG B 266 -23.07 8.29 -1.74
CA ARG B 266 -21.94 9.10 -2.19
C ARG B 266 -20.62 8.46 -1.78
N GLU B 267 -20.47 8.16 -0.49
CA GLU B 267 -19.24 7.55 0.00
C GLU B 267 -18.98 6.21 -0.66
N LEU B 268 -20.03 5.40 -0.85
CA LEU B 268 -19.84 4.08 -1.41
C LEU B 268 -19.27 4.16 -2.83
N LEU B 269 -19.93 4.91 -3.70
CA LEU B 269 -19.49 5.03 -5.08
C LEU B 269 -18.16 5.76 -5.22
N SER B 270 -17.70 6.43 -4.17
CA SER B 270 -16.38 7.07 -4.23
C SER B 270 -15.25 6.05 -4.36
N SER B 271 -15.47 4.81 -3.96
CA SER B 271 -14.42 3.79 -4.03
C SER B 271 -14.87 2.55 -4.78
N VAL B 272 -16.00 1.98 -4.35
CA VAL B 272 -16.39 0.65 -4.81
C VAL B 272 -16.68 0.70 -6.31
N ARG B 273 -15.99 -0.15 -7.07
CA ARG B 273 -16.25 -0.31 -8.49
C ARG B 273 -16.96 -1.61 -8.82
N LEU B 274 -16.76 -2.66 -8.02
CA LEU B 274 -17.45 -3.93 -8.20
C LEU B 274 -18.15 -4.29 -6.90
N ALA B 275 -19.48 -4.25 -6.91
CA ALA B 275 -20.29 -4.57 -5.74
C ALA B 275 -20.97 -5.92 -5.95
N PHE B 276 -20.69 -6.87 -5.05
CA PHE B 276 -21.29 -8.18 -5.10
C PHE B 276 -22.24 -8.38 -3.92
N SER B 277 -23.26 -9.20 -4.14
CA SER B 277 -24.23 -9.53 -3.10
C SER B 277 -24.51 -11.03 -3.14
N ALA B 278 -24.51 -11.65 -1.98
CA ALA B 278 -24.79 -13.08 -1.87
C ALA B 278 -25.52 -13.34 -0.55
N GLY B 279 -25.94 -14.59 -0.36
CA GLY B 279 -26.53 -15.02 0.88
C GLY B 279 -28.03 -15.23 0.79
N SER B 280 -28.69 -14.32 0.08
CA SER B 280 -30.13 -14.36 -0.15
C SER B 280 -30.42 -13.47 -1.35
N PRO B 281 -31.62 -13.56 -1.91
CA PRO B 281 -31.90 -12.85 -3.17
C PRO B 281 -31.85 -11.34 -3.02
N LEU B 282 -31.17 -10.69 -3.97
CA LEU B 282 -31.14 -9.24 -4.01
C LEU B 282 -32.45 -8.69 -4.56
N PRO B 283 -33.24 -7.94 -3.78
CA PRO B 283 -34.51 -7.41 -4.30
C PRO B 283 -34.32 -6.49 -5.50
N ARG B 284 -35.31 -6.50 -6.39
CA ARG B 284 -35.30 -5.59 -7.54
C ARG B 284 -35.16 -4.14 -7.07
N GLY B 285 -35.87 -3.77 -6.00
CA GLY B 285 -35.80 -2.41 -5.52
C GLY B 285 -34.39 -1.99 -5.15
N GLU B 286 -33.63 -2.89 -4.53
CA GLU B 286 -32.24 -2.59 -4.18
C GLU B 286 -31.40 -2.49 -5.44
N PHE B 287 -31.56 -3.44 -6.36
CA PHE B 287 -30.82 -3.39 -7.62
C PHE B 287 -31.05 -2.06 -8.32
N GLU B 288 -32.30 -1.64 -8.44
CA GLU B 288 -32.61 -0.45 -9.23
C GLU B 288 -32.23 0.84 -8.51
N PHE B 289 -32.34 0.87 -7.18
CA PHE B 289 -31.91 2.05 -6.43
C PHE B 289 -30.45 2.37 -6.73
N TRP B 290 -29.58 1.37 -6.64
CA TRP B 290 -28.16 1.60 -6.86
C TRP B 290 -27.84 1.73 -8.35
N ALA B 291 -28.65 1.13 -9.22
CA ALA B 291 -28.49 1.38 -10.65
C ALA B 291 -28.77 2.83 -10.98
N ALA B 292 -29.81 3.41 -10.36
CA ALA B 292 -30.09 4.82 -10.55
C ALA B 292 -28.91 5.68 -10.12
N HIS B 293 -28.13 5.21 -9.15
CA HIS B 293 -26.94 5.91 -8.70
C HIS B 293 -25.69 5.51 -9.49
N GLY B 294 -25.82 4.58 -10.44
CA GLY B 294 -24.68 4.20 -11.27
C GLY B 294 -23.82 3.10 -10.70
N LEU B 295 -24.37 2.24 -9.85
CA LEU B 295 -23.63 1.11 -9.29
C LEU B 295 -24.39 -0.17 -9.60
N GLU B 296 -23.72 -1.10 -10.28
CA GLU B 296 -24.28 -2.40 -10.59
C GLU B 296 -24.00 -3.34 -9.42
N ILE B 297 -25.05 -3.93 -8.86
CA ILE B 297 -24.91 -4.94 -7.84
C ILE B 297 -25.11 -6.30 -8.50
N CYS B 298 -24.10 -7.17 -8.40
CA CYS B 298 -24.15 -8.51 -8.98
C CYS B 298 -24.61 -9.48 -7.91
N ASP B 299 -25.79 -10.06 -8.11
CA ASP B 299 -26.35 -11.05 -7.21
C ASP B 299 -25.91 -12.45 -7.66
N GLY B 300 -25.36 -13.22 -6.73
CA GLY B 300 -24.97 -14.59 -7.00
C GLY B 300 -25.21 -15.47 -5.80
N ILE B 301 -25.43 -16.76 -6.08
CA ILE B 301 -25.73 -17.76 -5.05
C ILE B 301 -24.53 -18.66 -4.85
N GLY B 302 -24.16 -18.86 -3.58
CA GLY B 302 -23.22 -19.89 -3.22
C GLY B 302 -23.80 -20.76 -2.12
N ALA B 303 -23.13 -21.88 -1.87
CA ALA B 303 -23.50 -22.77 -0.79
C ALA B 303 -22.23 -23.43 -0.27
N THR B 304 -22.17 -23.63 1.04
CA THR B 304 -20.99 -24.24 1.65
C THR B 304 -20.61 -25.54 0.95
N GLU B 305 -21.60 -26.35 0.59
CA GLU B 305 -21.33 -27.63 -0.06
C GLU B 305 -20.77 -27.49 -1.46
N VAL B 306 -20.71 -26.27 -2.00
CA VAL B 306 -20.20 -26.00 -3.34
C VAL B 306 -19.00 -25.06 -3.33
N GLY B 307 -18.49 -24.71 -2.14
CA GLY B 307 -17.28 -23.94 -2.04
C GLY B 307 -17.49 -22.45 -2.04
N HIS B 308 -18.03 -21.91 -3.13
CA HIS B 308 -18.36 -20.50 -3.19
C HIS B 308 -19.51 -20.27 -4.16
N VAL B 309 -19.56 -19.08 -4.77
CA VAL B 309 -20.62 -18.75 -5.72
C VAL B 309 -20.49 -19.65 -6.94
N PHE B 310 -21.61 -20.24 -7.36
CA PHE B 310 -21.62 -21.12 -8.53
C PHE B 310 -22.58 -20.68 -9.61
N LEU B 311 -23.41 -19.67 -9.35
CA LEU B 311 -24.44 -19.21 -10.26
C LEU B 311 -24.68 -17.76 -9.94
N ALA B 312 -24.48 -16.87 -10.92
CA ALA B 312 -24.38 -15.46 -10.59
C ALA B 312 -24.59 -14.59 -11.82
N ASN B 313 -24.95 -13.34 -11.56
CA ASN B 313 -24.92 -12.31 -12.59
C ASN B 313 -23.47 -11.94 -12.89
N ARG B 314 -23.13 -11.89 -14.18
CA ARG B 314 -21.78 -11.54 -14.57
C ARG B 314 -21.60 -10.02 -14.57
N PRO B 315 -20.48 -9.50 -14.07
CA PRO B 315 -20.28 -8.04 -14.04
C PRO B 315 -20.49 -7.41 -15.41
N GLY B 316 -21.17 -6.26 -15.42
CA GLY B 316 -21.52 -5.57 -16.64
C GLY B 316 -22.75 -6.13 -17.34
N GLN B 317 -23.29 -7.25 -16.87
CA GLN B 317 -24.43 -7.89 -17.51
C GLN B 317 -25.50 -8.30 -16.50
N ALA B 318 -25.53 -7.64 -15.34
CA ALA B 318 -26.47 -8.00 -14.29
C ALA B 318 -27.89 -7.58 -14.67
N ARG B 319 -28.86 -8.33 -14.15
CA ARG B 319 -30.27 -8.06 -14.33
C ARG B 319 -30.98 -8.07 -12.98
N ALA B 320 -32.02 -7.24 -12.86
CA ALA B 320 -32.80 -7.21 -11.64
C ALA B 320 -33.59 -8.50 -11.47
N ASP B 321 -33.86 -8.84 -10.22
CA ASP B 321 -34.69 -10.00 -9.89
C ASP B 321 -34.21 -11.24 -10.65
N SER B 322 -32.92 -11.52 -10.52
CA SER B 322 -32.30 -12.63 -11.22
C SER B 322 -31.03 -13.04 -10.48
N THR B 323 -30.76 -14.34 -10.49
CA THR B 323 -29.51 -14.88 -9.98
C THR B 323 -28.50 -15.14 -11.08
N GLY B 324 -28.86 -14.92 -12.34
CA GLY B 324 -27.91 -14.98 -13.43
C GLY B 324 -27.75 -16.36 -14.03
N LEU B 325 -26.52 -16.69 -14.43
CA LEU B 325 -26.19 -17.91 -15.15
C LEU B 325 -25.15 -18.74 -14.40
N PRO B 326 -25.14 -20.05 -14.58
CA PRO B 326 -24.12 -20.87 -13.93
C PRO B 326 -22.73 -20.45 -14.34
N LEU B 327 -21.81 -20.45 -13.37
CA LEU B 327 -20.44 -20.07 -13.63
C LEU B 327 -19.74 -21.11 -14.51
N PRO B 328 -18.62 -20.74 -15.14
CA PRO B 328 -17.90 -21.70 -15.97
C PRO B 328 -17.50 -22.95 -15.20
N GLY B 329 -17.70 -24.10 -15.84
CA GLY B 329 -17.41 -25.38 -15.23
C GLY B 329 -18.57 -26.01 -14.49
N TYR B 330 -19.53 -25.21 -14.02
CA TYR B 330 -20.66 -25.72 -13.28
C TYR B 330 -21.80 -26.12 -14.20
N GLU B 331 -22.61 -27.07 -13.73
CA GLU B 331 -23.83 -27.48 -14.41
C GLU B 331 -24.96 -27.40 -13.41
N CYS B 332 -26.04 -26.73 -13.81
CA CYS B 332 -27.22 -26.57 -12.96
C CYS B 332 -28.43 -27.18 -13.65
N ARG B 333 -29.23 -27.93 -12.90
CA ARG B 333 -30.46 -28.52 -13.43
C ARG B 333 -31.55 -28.40 -12.38
N LEU B 334 -32.80 -28.41 -12.86
CA LEU B 334 -33.98 -28.28 -12.02
C LEU B 334 -34.81 -29.56 -12.10
N VAL B 335 -35.19 -30.11 -10.95
CA VAL B 335 -35.94 -31.35 -10.88
C VAL B 335 -37.31 -31.08 -10.27
N ASP B 336 -38.34 -31.69 -10.84
CA ASP B 336 -39.70 -31.49 -10.38
C ASP B 336 -40.00 -32.43 -9.21
N ARG B 337 -41.26 -32.41 -8.75
CA ARG B 337 -41.63 -33.17 -7.56
C ARG B 337 -41.59 -34.68 -7.77
N GLU B 338 -41.44 -35.15 -9.01
CA GLU B 338 -41.29 -36.57 -9.27
C GLU B 338 -39.85 -36.96 -9.56
N GLY B 339 -38.90 -36.05 -9.32
CA GLY B 339 -37.49 -36.33 -9.52
C GLY B 339 -37.02 -36.22 -10.95
N HIS B 340 -37.87 -35.77 -11.85
CA HIS B 340 -37.50 -35.69 -13.26
C HIS B 340 -36.92 -34.32 -13.58
N THR B 341 -35.95 -34.30 -14.49
CA THR B 341 -35.29 -33.05 -14.86
C THR B 341 -36.26 -32.16 -15.63
N ILE B 342 -36.31 -30.88 -15.26
CA ILE B 342 -37.18 -29.92 -15.91
C ILE B 342 -36.41 -29.30 -17.07
N GLU B 343 -36.96 -29.42 -18.27
CA GLU B 343 -36.37 -28.83 -19.47
C GLU B 343 -37.03 -27.54 -19.88
N GLU B 344 -38.29 -27.34 -19.51
CA GLU B 344 -39.04 -26.16 -19.92
C GLU B 344 -38.61 -24.95 -19.10
N ALA B 345 -38.79 -23.76 -19.68
CA ALA B 345 -38.57 -22.52 -18.95
C ALA B 345 -39.80 -22.16 -18.14
N GLY B 346 -39.62 -21.20 -17.22
CA GLY B 346 -40.71 -20.73 -16.39
C GLY B 346 -41.40 -21.83 -15.59
N ARG B 347 -40.66 -22.84 -15.14
CA ARG B 347 -41.21 -23.90 -14.30
CA ARG B 347 -41.21 -23.90 -14.31
C ARG B 347 -40.29 -24.12 -13.13
N GLN B 348 -40.83 -24.04 -11.92
CA GLN B 348 -40.04 -24.14 -10.70
C GLN B 348 -39.65 -25.60 -10.42
N GLY B 349 -38.46 -25.76 -9.87
CA GLY B 349 -37.96 -27.05 -9.41
C GLY B 349 -36.79 -26.83 -8.45
N VAL B 350 -36.36 -27.92 -7.84
CA VAL B 350 -35.23 -27.85 -6.91
C VAL B 350 -33.93 -27.75 -7.71
N LEU B 351 -33.08 -26.81 -7.33
CA LEU B 351 -31.81 -26.58 -8.02
C LEU B 351 -30.77 -27.59 -7.54
N LEU B 352 -30.24 -28.36 -8.47
CA LEU B 352 -29.07 -29.21 -8.23
C LEU B 352 -27.90 -28.64 -9.02
N VAL B 353 -26.69 -28.80 -8.47
CA VAL B 353 -25.50 -28.22 -9.07
C VAL B 353 -24.32 -29.16 -8.90
N ARG B 354 -23.48 -29.24 -9.94
CA ARG B 354 -22.18 -29.89 -9.85
C ARG B 354 -21.17 -29.02 -10.57
N GLY B 355 -19.89 -29.24 -10.27
CA GLY B 355 -18.85 -28.44 -10.88
C GLY B 355 -17.59 -28.33 -10.06
N PRO B 356 -16.73 -27.38 -10.42
CA PRO B 356 -15.38 -27.34 -9.83
C PRO B 356 -15.36 -27.23 -8.31
N GLY B 357 -16.26 -26.45 -7.73
CA GLY B 357 -16.27 -26.22 -6.30
C GLY B 357 -16.97 -27.25 -5.46
N LEU B 358 -17.58 -28.27 -6.09
CA LEU B 358 -18.38 -29.24 -5.35
C LEU B 358 -17.55 -29.94 -4.28
N SER B 359 -18.07 -29.95 -3.05
CA SER B 359 -17.40 -30.62 -1.96
C SER B 359 -17.47 -32.15 -2.14
N PRO B 360 -16.43 -32.87 -1.70
CA PRO B 360 -16.50 -34.33 -1.71
C PRO B 360 -17.52 -34.91 -0.74
N GLY B 361 -18.04 -34.12 0.19
CA GLY B 361 -19.05 -34.59 1.11
C GLY B 361 -18.87 -34.09 2.53
N TYR B 362 -19.77 -34.49 3.42
CA TYR B 362 -19.67 -34.09 4.80
C TYR B 362 -18.64 -34.96 5.54
N TRP B 363 -17.98 -34.35 6.53
CA TRP B 363 -16.96 -35.06 7.29
C TRP B 363 -17.55 -36.21 8.08
N ARG B 364 -18.68 -35.96 8.73
CA ARG B 364 -19.38 -36.97 9.52
C ARG B 364 -20.87 -36.74 9.35
N ALA B 365 -21.60 -37.77 8.92
CA ALA B 365 -23.00 -37.57 8.61
C ALA B 365 -23.71 -38.92 8.53
N SER B 366 -25.02 -38.87 8.69
CA SER B 366 -25.86 -40.05 8.46
C SER B 366 -26.01 -40.31 6.97
N GLU B 367 -26.62 -41.46 6.67
CA GLU B 367 -26.89 -41.79 5.27
CA GLU B 367 -26.90 -41.80 5.28
C GLU B 367 -27.83 -40.77 4.63
N GLU B 368 -28.86 -40.35 5.36
CA GLU B 368 -29.79 -39.36 4.82
C GLU B 368 -29.11 -38.02 4.58
N GLN B 369 -28.22 -37.61 5.49
CA GLN B 369 -27.51 -36.35 5.33
C GLN B 369 -26.65 -36.36 4.07
N GLN B 370 -25.82 -37.39 3.92
CA GLN B 370 -24.98 -37.50 2.73
C GLN B 370 -25.80 -37.59 1.45
N ALA B 371 -27.09 -37.93 1.55
CA ALA B 371 -27.92 -38.03 0.37
C ALA B 371 -28.05 -36.68 -0.35
N ARG B 372 -27.71 -35.58 0.31
CA ARG B 372 -27.69 -34.29 -0.39
C ARG B 372 -26.71 -34.31 -1.55
N PHE B 373 -25.69 -35.16 -1.50
CA PHE B 373 -24.69 -35.28 -2.57
C PHE B 373 -25.02 -36.39 -3.57
N ALA B 374 -26.26 -36.88 -3.58
CA ALA B 374 -26.60 -38.06 -4.38
C ALA B 374 -26.30 -37.84 -5.85
N GLY B 375 -25.64 -38.82 -6.47
CA GLY B 375 -25.42 -38.83 -7.89
C GLY B 375 -24.33 -37.93 -8.42
N GLY B 376 -23.52 -37.34 -7.53
CA GLY B 376 -22.52 -36.37 -7.95
C GLY B 376 -23.04 -34.96 -8.06
N TRP B 377 -24.24 -34.68 -7.55
CA TRP B 377 -24.82 -33.35 -7.50
C TRP B 377 -25.05 -32.95 -6.06
N TYR B 378 -25.08 -31.65 -5.80
CA TYR B 378 -25.54 -31.13 -4.52
C TYR B 378 -26.98 -30.65 -4.68
N ARG B 379 -27.87 -31.18 -3.82
CA ARG B 379 -29.26 -30.75 -3.79
C ARG B 379 -29.37 -29.54 -2.87
N THR B 380 -29.57 -28.36 -3.47
CA THR B 380 -29.57 -27.12 -2.70
C THR B 380 -30.73 -27.02 -1.74
N GLY B 381 -31.89 -27.57 -2.12
CA GLY B 381 -33.12 -27.28 -1.40
C GLY B 381 -33.75 -25.97 -1.78
N ASP B 382 -33.21 -25.27 -2.78
CA ASP B 382 -33.75 -24.00 -3.24
C ASP B 382 -34.63 -24.21 -4.46
N LEU B 383 -35.80 -23.58 -4.46
CA LEU B 383 -36.65 -23.57 -5.64
C LEU B 383 -36.19 -22.48 -6.60
N PHE B 384 -36.06 -22.83 -7.88
CA PHE B 384 -35.59 -21.94 -8.91
C PHE B 384 -36.38 -22.19 -10.18
N GLU B 385 -36.43 -21.17 -11.04
CA GLU B 385 -36.95 -21.31 -12.39
C GLU B 385 -35.98 -20.64 -13.36
N ARG B 386 -36.05 -21.06 -14.62
CA ARG B 386 -35.29 -20.45 -15.70
C ARG B 386 -36.23 -19.64 -16.59
N ASP B 387 -35.74 -18.49 -17.04
CA ASP B 387 -36.47 -17.68 -17.99
C ASP B 387 -36.10 -18.11 -19.41
N GLU B 388 -36.60 -17.39 -20.42
CA GLU B 388 -36.36 -17.78 -21.80
C GLU B 388 -34.89 -17.72 -22.15
N SER B 389 -34.17 -16.74 -21.61
CA SER B 389 -32.76 -16.56 -21.92
C SER B 389 -31.85 -17.53 -21.19
N GLY B 390 -32.38 -18.37 -20.30
CA GLY B 390 -31.57 -19.30 -19.54
C GLY B 390 -31.19 -18.83 -18.15
N ALA B 391 -31.54 -17.60 -17.78
CA ALA B 391 -31.19 -17.07 -16.47
C ALA B 391 -32.09 -17.67 -15.39
N TYR B 392 -31.55 -17.77 -14.18
CA TYR B 392 -32.22 -18.38 -13.06
C TYR B 392 -32.80 -17.33 -12.13
N ARG B 393 -33.84 -17.71 -11.40
CA ARG B 393 -34.55 -16.80 -10.51
C ARG B 393 -35.01 -17.57 -9.28
N HIS B 394 -34.66 -17.06 -8.11
CA HIS B 394 -34.97 -17.75 -6.86
C HIS B 394 -36.47 -17.71 -6.58
N CYS B 395 -37.02 -18.86 -6.18
CA CYS B 395 -38.45 -18.97 -5.93
C CYS B 395 -38.79 -19.49 -4.53
N GLY B 396 -37.82 -19.58 -3.64
CA GLY B 396 -38.07 -20.04 -2.29
C GLY B 396 -37.38 -21.36 -1.99
N ARG B 397 -37.85 -22.00 -0.94
CA ARG B 397 -37.31 -23.27 -0.46
C ARG B 397 -38.33 -24.38 -0.67
N GLU B 398 -37.82 -25.61 -0.77
CA GLU B 398 -38.71 -26.78 -0.87
C GLU B 398 -39.08 -27.29 0.52
C10 3UK C . 29.20 18.98 -1.90
C15 3UK C . 29.51 16.66 -2.86
C17 3UK C . 31.26 15.43 -3.37
C21 3UK C . 29.94 19.81 -2.96
C26 3UK C . 22.72 18.50 -2.62
C28 3UK C . 22.12 16.43 -3.69
O01 3UK C . 24.58 18.76 -1.16
C02 3UK C . 23.70 19.28 -1.81
O03 3UK C . 23.52 20.64 -1.89
P04 3UK C . 24.34 21.80 -1.09
O05 3UK C . 24.11 23.13 -1.73
O06 3UK C . 25.88 21.41 -1.23
C07 3UK C . 26.52 21.23 -2.50
C08 3UK C . 27.98 20.95 -2.26
O09 3UK C . 28.10 19.75 -1.46
N11 3UK C . 28.73 17.70 -2.41
C12 3UK C . 27.43 17.27 -2.55
N13 3UK C . 27.32 16.07 -3.04
C14 3UK C . 28.62 15.66 -3.24
N16 3UK C . 30.84 16.60 -2.91
N18 3UK C . 30.53 14.38 -3.76
C19 3UK C . 29.18 14.46 -3.72
N20 3UK C . 28.47 13.41 -4.14
O22 3UK C . 30.97 20.55 -2.29
C23 3UK C . 28.82 20.69 -3.50
O24 3UK C . 29.30 21.91 -4.05
O25 3UK C . 24.02 21.72 0.39
C27 3UK C . 22.98 17.16 -2.90
C29 3UK C . 20.99 17.01 -4.22
C30 3UK C . 20.71 18.34 -3.95
C31 3UK C . 21.56 19.11 -3.14
N32 3UK C . 21.21 20.42 -2.86
H1 3UK C . 29.83 18.77 -1.04
H2 3UK C . 32.34 15.28 -3.44
H3 3UK C . 30.36 19.21 -3.76
H4 3UK C . 22.33 15.37 -3.90
H5 3UK C . 26.01 20.39 -2.97
H6 3UK C . 26.39 22.11 -3.14
H7 3UK C . 28.42 21.71 -1.61
H8 3UK C . 26.58 17.89 -2.27
H9 3UK C . 27.46 13.45 -4.12
H10 3UK C . 28.92 12.56 -4.48
H11 3UK C . 30.60 20.81 -1.41
H12 3UK C . 28.24 20.18 -4.27
H13 3UK C . 29.71 22.45 -3.32
H14 3UK C . 23.63 22.44 0.94
H15 3UK C . 23.87 16.69 -2.49
H16 3UK C . 20.32 16.44 -4.85
H17 3UK C . 19.81 18.78 -4.37
H18 3UK C . 21.81 20.98 -2.26
H19 3UK C . 20.38 20.86 -3.24
C10 3UK D . -29.17 -19.28 0.12
C15 3UK D . -29.17 -17.56 -1.74
C17 3UK D . -30.75 -16.69 -3.01
C21 3UK D . -29.71 -20.52 -0.60
C26 3UK D . -22.69 -18.88 0.54
C28 3UK D . -21.83 -17.38 -1.14
O01 3UK D . -24.89 -18.72 1.47
C02 3UK D . -23.85 -19.34 1.37
O03 3UK D . -23.64 -20.52 2.00
P04 3UK D . -24.69 -21.28 2.99
O05 3UK D . -24.41 -22.73 3.02
O06 3UK D . -26.14 -20.99 2.40
C07 3UK D . -26.54 -21.49 1.11
C08 3UK D . -27.99 -21.15 0.90
O09 3UK D . -28.19 -19.73 1.05
N11 3UK D . -28.55 -18.31 -0.77
C12 3UK D . -27.22 -17.94 -0.82
N13 3UK D . -26.96 -17.01 -1.72
C14 3UK D . -28.20 -16.76 -2.31
N16 3UK D . -30.48 -17.57 -2.05
N18 3UK D . -29.91 -15.86 -3.65
C19 3UK D . -28.60 -15.87 -3.31
N20 3UK D . -27.78 -15.01 -3.93
O22 3UK D . -30.85 -20.99 0.14
C23 3UK D . -28.52 -21.48 -0.49
O24 3UK D . -28.87 -22.85 -0.59
O25 3UK D . -24.65 -20.57 4.35
C27 3UK D . -22.87 -17.81 -0.34
C29 3UK D . -20.61 -18.01 -1.09
C30 3UK D . -20.41 -19.07 -0.22
C31 3UK D . -21.44 -19.53 0.61
N32 3UK D . -21.19 -20.59 1.45
H1 3UK D . -29.94 -18.77 0.67
H2 3UK D . -31.78 -16.63 -3.34
H3 3UK D . -29.97 -20.35 -1.64
H4 3UK D . -21.98 -16.53 -1.81
H5 3UK D . -25.89 -20.98 0.39
H6 3UK D . -26.36 -22.56 1.03
H7 3UK D . -28.61 -21.58 1.69
H8 3UK D . -26.46 -18.37 -0.18
H9 3UK D . -26.80 -14.99 -3.68
H10 3UK D . -28.11 -14.38 -4.66
H11 3UK D . -30.69 -20.72 1.08
H12 3UK D . -27.78 -21.27 -1.26
H13 3UK D . -29.39 -23.11 0.23
H14 3UK D . -24.40 -20.98 5.22
H15 3UK D . -23.84 -17.31 -0.38
H16 3UK D . -19.80 -17.66 -1.72
H17 3UK D . -19.42 -19.54 -0.20
H18 3UK D . -21.93 -20.93 2.06
H19 3UK D . -20.29 -21.06 1.50
#